data_1JWC
# 
_entry.id   1JWC 
# 
_audit_conform.dict_name       mmcif_pdbx.dic 
_audit_conform.dict_version    5.392 
_audit_conform.dict_location   http://mmcif.pdb.org/dictionaries/ascii/mmcif_pdbx.dic 
# 
loop_
_database_2.database_id 
_database_2.database_code 
_database_2.pdbx_database_accession 
_database_2.pdbx_DOI 
PDB   1JWC         pdb_00001jwc 10.2210/pdb1jwc/pdb 
RCSB  RCSB014260   ?            ?                   
WWPDB D_1000014260 ?            ?                   
# 
loop_
_pdbx_audit_revision_history.ordinal 
_pdbx_audit_revision_history.data_content_type 
_pdbx_audit_revision_history.major_revision 
_pdbx_audit_revision_history.minor_revision 
_pdbx_audit_revision_history.revision_date 
1 'Structure model' 1 0 2002-03-20 
2 'Structure model' 1 1 2008-04-27 
3 'Structure model' 1 2 2011-07-13 
4 'Structure model' 1 3 2022-02-23 
5 'Structure model' 1 4 2024-05-22 
# 
_pdbx_audit_revision_details.ordinal             1 
_pdbx_audit_revision_details.revision_ordinal    1 
_pdbx_audit_revision_details.data_content_type   'Structure model' 
_pdbx_audit_revision_details.provider            repository 
_pdbx_audit_revision_details.type                'Initial release' 
_pdbx_audit_revision_details.description         ? 
_pdbx_audit_revision_details.details             ? 
# 
loop_
_pdbx_audit_revision_group.ordinal 
_pdbx_audit_revision_group.revision_ordinal 
_pdbx_audit_revision_group.data_content_type 
_pdbx_audit_revision_group.group 
1 2 'Structure model' 'Version format compliance' 
2 3 'Structure model' 'Version format compliance' 
3 4 'Structure model' 'Data collection'           
4 4 'Structure model' 'Database references'       
5 4 'Structure model' 'Derived calculations'      
6 5 'Structure model' 'Data collection'           
# 
loop_
_pdbx_audit_revision_category.ordinal 
_pdbx_audit_revision_category.revision_ordinal 
_pdbx_audit_revision_category.data_content_type 
_pdbx_audit_revision_category.category 
1 4 'Structure model' database_2            
2 4 'Structure model' pdbx_nmr_software     
3 4 'Structure model' pdbx_struct_assembly  
4 4 'Structure model' pdbx_struct_oper_list 
5 5 'Structure model' chem_comp_atom        
6 5 'Structure model' chem_comp_bond        
# 
loop_
_pdbx_audit_revision_item.ordinal 
_pdbx_audit_revision_item.revision_ordinal 
_pdbx_audit_revision_item.data_content_type 
_pdbx_audit_revision_item.item 
1 4 'Structure model' '_database_2.pdbx_DOI'                
2 4 'Structure model' '_database_2.pdbx_database_accession' 
3 4 'Structure model' '_pdbx_nmr_software.name'             
# 
_pdbx_database_status.status_code                     REL 
_pdbx_database_status.entry_id                        1JWC 
_pdbx_database_status.recvd_initial_deposition_date   2001-09-03 
_pdbx_database_status.deposit_site                    RCSB 
_pdbx_database_status.process_site                    RCSB 
_pdbx_database_status.status_code_mr                  REL 
_pdbx_database_status.SG_entry                        . 
_pdbx_database_status.pdb_format_compatible           Y 
_pdbx_database_status.status_code_sf                  ? 
_pdbx_database_status.status_code_cs                  ? 
_pdbx_database_status.status_code_nmr_data            ? 
_pdbx_database_status.methods_development_category    ? 
# 
_pdbx_database_related.db_name        PDB 
_pdbx_database_related.db_id          1JU7 
_pdbx_database_related.details        
'1JU7 is the Overlay of 10 converged structures from which this average structure was produced.' 
_pdbx_database_related.content_type   unspecified 
# 
loop_
_audit_author.name 
_audit_author.pdbx_ordinal 
'Dejong, E.S.'     1 
'Marzluff, W.F.'   2 
'Nikonowicz, E.P.' 3 
# 
_citation.id                        primary 
_citation.title                     
'NMR structure and dynamics of the RNA-binding site for the histone mRNA stem-loop binding protein.' 
_citation.journal_abbrev            RNA 
_citation.journal_volume            8 
_citation.page_first                83 
_citation.page_last                 96 
_citation.year                      2002 
_citation.journal_id_ASTM           RNARFU 
_citation.country                   UK 
_citation.journal_id_ISSN           1355-8382 
_citation.journal_id_CSD            2122 
_citation.book_publisher            ? 
_citation.pdbx_database_id_PubMed   11871662 
_citation.pdbx_database_id_DOI      10.1017/S1355838202013869 
# 
loop_
_citation_author.citation_id 
_citation_author.name 
_citation_author.ordinal 
_citation_author.identifier_ORCID 
primary 'DeJong, E.S.'     1 ? 
primary 'Marzluff, W.F.'   2 ? 
primary 'Nikonowicz, E.P.' 3 ? 
# 
_entity.id                         1 
_entity.type                       polymer 
_entity.src_method                 syn 
_entity.pdbx_description           "5'-R(*GP*GP*CP*CP*AP*AP*AP*GP*GP*CP*CP*CP*UP*UP*UP*UP*CP*AP*GP*GP*GP*CP*CP*AP*CP*CP*CP*A)-3'" 
_entity.formula_weight             8928.382 
_entity.pdbx_number_of_molecules   1 
_entity.pdbx_ec                    ? 
_entity.pdbx_mutation              ? 
_entity.pdbx_fragment              ? 
_entity.details                    
;HISTONE MRNA 3' STEM LOOP
;
# 
_entity_poly.entity_id                      1 
_entity_poly.type                           polyribonucleotide 
_entity_poly.nstd_linkage                   no 
_entity_poly.nstd_monomer                   no 
_entity_poly.pdbx_seq_one_letter_code       GGCCAAAGGCCCUUUUCAGGGCCACCCA 
_entity_poly.pdbx_seq_one_letter_code_can   GGCCAAAGGCCCUUUUCAGGGCCACCCA 
_entity_poly.pdbx_strand_id                 A 
_entity_poly.pdbx_target_identifier         ? 
# 
loop_
_entity_poly_seq.entity_id 
_entity_poly_seq.num 
_entity_poly_seq.mon_id 
_entity_poly_seq.hetero 
1 1  G n 
1 2  G n 
1 3  C n 
1 4  C n 
1 5  A n 
1 6  A n 
1 7  A n 
1 8  G n 
1 9  G n 
1 10 C n 
1 11 C n 
1 12 C n 
1 13 U n 
1 14 U n 
1 15 U n 
1 16 U n 
1 17 C n 
1 18 A n 
1 19 G n 
1 20 G n 
1 21 G n 
1 22 C n 
1 23 C n 
1 24 A n 
1 25 C n 
1 26 C n 
1 27 C n 
1 28 A n 
# 
_pdbx_entity_src_syn.entity_id              1 
_pdbx_entity_src_syn.pdbx_src_id            1 
_pdbx_entity_src_syn.pdbx_alt_source_flag   sample 
_pdbx_entity_src_syn.pdbx_beg_seq_num       ? 
_pdbx_entity_src_syn.pdbx_end_seq_num       ? 
_pdbx_entity_src_syn.organism_scientific    ? 
_pdbx_entity_src_syn.organism_common_name   ? 
_pdbx_entity_src_syn.ncbi_taxonomy_id       ? 
_pdbx_entity_src_syn.details                
;THIS SEQUENCE OCCURS NATURALLY AT THE 3' END OF THE REPLICATION-DEPENDENT HISTONE MRNAS OF VERTEBRATES. THIS SEQUENCE CORRESPONDS TO THE MOUSE H4-12 GENE.
;
# 
loop_
_chem_comp.id 
_chem_comp.type 
_chem_comp.mon_nstd_flag 
_chem_comp.name 
_chem_comp.pdbx_synonyms 
_chem_comp.formula 
_chem_comp.formula_weight 
A 'RNA linking' y "ADENOSINE-5'-MONOPHOSPHATE" ? 'C10 H14 N5 O7 P' 347.221 
C 'RNA linking' y "CYTIDINE-5'-MONOPHOSPHATE"  ? 'C9 H14 N3 O8 P'  323.197 
G 'RNA linking' y "GUANOSINE-5'-MONOPHOSPHATE" ? 'C10 H14 N5 O8 P' 363.221 
U 'RNA linking' y "URIDINE-5'-MONOPHOSPHATE"   ? 'C9 H13 N2 O9 P'  324.181 
# 
loop_
_pdbx_poly_seq_scheme.asym_id 
_pdbx_poly_seq_scheme.entity_id 
_pdbx_poly_seq_scheme.seq_id 
_pdbx_poly_seq_scheme.mon_id 
_pdbx_poly_seq_scheme.ndb_seq_num 
_pdbx_poly_seq_scheme.pdb_seq_num 
_pdbx_poly_seq_scheme.auth_seq_num 
_pdbx_poly_seq_scheme.pdb_mon_id 
_pdbx_poly_seq_scheme.auth_mon_id 
_pdbx_poly_seq_scheme.pdb_strand_id 
_pdbx_poly_seq_scheme.pdb_ins_code 
_pdbx_poly_seq_scheme.hetero 
A 1 1  G 1  -6 ?  ? ? A . n 
A 1 2  G 2  -5 ?  ? ? A . n 
A 1 3  C 3  -4 ?  ? ? A . n 
A 1 4  C 4  -3 ?  ? ? A . n 
A 1 5  A 5  -2 ?  ? ? A . n 
A 1 6  A 6  -1 ?  ? ? A . n 
A 1 7  A 7  0  ?  ? ? A . n 
A 1 8  G 8  1  1  G G A . n 
A 1 9  G 9  2  2  G G A . n 
A 1 10 C 10 3  3  C C A . n 
A 1 11 C 11 4  4  C C A . n 
A 1 12 C 12 5  5  C C A . n 
A 1 13 U 13 6  6  U U A . n 
A 1 14 U 14 7  7  U U A . n 
A 1 15 U 15 8  8  U U A . n 
A 1 16 U 16 9  9  U U A . n 
A 1 17 C 17 10 10 C C A . n 
A 1 18 A 18 11 11 A A A . n 
A 1 19 G 19 12 12 G G A . n 
A 1 20 G 20 13 13 G G A . n 
A 1 21 G 21 14 14 G G A . n 
A 1 22 C 22 15 15 C C A . n 
A 1 23 C 23 16 16 C C A . n 
A 1 24 A 24 17 ?  ? ? A . n 
A 1 25 C 25 18 ?  ? ? A . n 
A 1 26 C 26 19 ?  ? ? A . n 
A 1 27 C 27 20 ?  ? ? A . n 
A 1 28 A 28 21 ?  ? ? A . n 
# 
loop_
_pdbx_unobs_or_zero_occ_atoms.id 
_pdbx_unobs_or_zero_occ_atoms.PDB_model_num 
_pdbx_unobs_or_zero_occ_atoms.polymer_flag 
_pdbx_unobs_or_zero_occ_atoms.occupancy_flag 
_pdbx_unobs_or_zero_occ_atoms.auth_asym_id 
_pdbx_unobs_or_zero_occ_atoms.auth_comp_id 
_pdbx_unobs_or_zero_occ_atoms.auth_seq_id 
_pdbx_unobs_or_zero_occ_atoms.PDB_ins_code 
_pdbx_unobs_or_zero_occ_atoms.auth_atom_id 
_pdbx_unobs_or_zero_occ_atoms.label_alt_id 
_pdbx_unobs_or_zero_occ_atoms.label_asym_id 
_pdbx_unobs_or_zero_occ_atoms.label_comp_id 
_pdbx_unobs_or_zero_occ_atoms.label_seq_id 
_pdbx_unobs_or_zero_occ_atoms.label_atom_id 
1 1 Y 1 A G 1 ? P   ? A G 8 P   
2 1 Y 1 A G 1 ? OP1 ? A G 8 OP1 
3 1 Y 1 A G 1 ? OP2 ? A G 8 OP2 
# 
_software.name             X-PLOR 
_software.classification   refinement 
_software.version          3.851 
_software.citation_id      ? 
_software.pdbx_ordinal     1 
# 
_cell.entry_id           1JWC 
_cell.length_a           ? 
_cell.length_b           ? 
_cell.length_c           ? 
_cell.angle_alpha        ? 
_cell.angle_beta         ? 
_cell.angle_gamma        ? 
_cell.Z_PDB              1 
_cell.pdbx_unique_axis   ? 
# 
_exptl.entry_id          1JWC 
_exptl.method            'SOLUTION NMR' 
_exptl.crystals_number   ? 
# 
_exptl_crystal.id                    1 
_exptl_crystal.density_meas          ? 
_exptl_crystal.density_Matthews      ? 
_exptl_crystal.density_percent_sol   ? 
_exptl_crystal.description           
'THIS STRUCTURE WAS DETERMINED USING A VARIETY OF 2D AND 3D HOMO- AND HETERO-NUCLEAR NMR METHODS.' 
# 
_diffrn.id                     1 
_diffrn.ambient_temp           ? 
_diffrn.ambient_temp_details   ? 
_diffrn.crystal_id             1 
# 
_diffrn_radiation.diffrn_id                        1 
_diffrn_radiation.wavelength_id                    1 
_diffrn_radiation.pdbx_monochromatic_or_laue_m_l   M 
_diffrn_radiation.monochromator                    ? 
_diffrn_radiation.pdbx_diffrn_protocol             'SINGLE WAVELENGTH' 
_diffrn_radiation.pdbx_scattering_type             ? 
# 
_diffrn_radiation_wavelength.id           1 
_diffrn_radiation_wavelength.wavelength   . 
_diffrn_radiation_wavelength.wt           1.0 
# 
_struct.entry_id                  1JWC 
_struct.title                     
'NMR SOLUTION STRUCTURE OF THE RNA HAIRPIN BINDING SITE FOR THE HISTONE STEM-LOOP BINDING PROTEIN' 
_struct.pdbx_model_details        ? 
_struct.pdbx_CASP_flag            ? 
_struct.pdbx_model_type_details   'minimized average' 
# 
_struct_keywords.entry_id        1JWC 
_struct_keywords.pdbx_keywords   RNA 
_struct_keywords.text            
;HAIRPIN, TETRALOOP, 3' STACK, RNA
;
# 
_struct_asym.id                            A 
_struct_asym.pdbx_blank_PDB_chainid_flag   N 
_struct_asym.pdbx_modified                 N 
_struct_asym.entity_id                     1 
_struct_asym.details                       ? 
# 
_struct_ref.id                         1 
_struct_ref.db_code                    X13235 
_struct_ref.db_name                    GB 
_struct_ref.entity_id                  1 
_struct_ref.pdbx_db_accession          51308 
_struct_ref.pdbx_align_begin           573 
_struct_ref.pdbx_seq_one_letter_code   AACAAAAGGCCCUUUUCAGGGCCACCCA 
_struct_ref.pdbx_db_isoform            ? 
# 
_struct_ref_seq.align_id                      1 
_struct_ref_seq.ref_id                        1 
_struct_ref_seq.pdbx_PDB_id_code              1JWC 
_struct_ref_seq.pdbx_strand_id                A 
_struct_ref_seq.seq_align_beg                 1 
_struct_ref_seq.pdbx_seq_align_beg_ins_code   ? 
_struct_ref_seq.seq_align_end                 28 
_struct_ref_seq.pdbx_seq_align_end_ins_code   ? 
_struct_ref_seq.pdbx_db_accession             51308 
_struct_ref_seq.db_align_beg                  573 
_struct_ref_seq.pdbx_db_align_beg_ins_code    ? 
_struct_ref_seq.db_align_end                  600 
_struct_ref_seq.pdbx_db_align_end_ins_code    ? 
_struct_ref_seq.pdbx_auth_seq_align_beg       -6 
_struct_ref_seq.pdbx_auth_seq_align_end       21 
# 
loop_
_struct_ref_seq_dif.align_id 
_struct_ref_seq_dif.pdbx_pdb_id_code 
_struct_ref_seq_dif.mon_id 
_struct_ref_seq_dif.pdbx_pdb_strand_id 
_struct_ref_seq_dif.seq_num 
_struct_ref_seq_dif.pdbx_pdb_ins_code 
_struct_ref_seq_dif.pdbx_seq_db_name 
_struct_ref_seq_dif.pdbx_seq_db_accession_code 
_struct_ref_seq_dif.db_mon_id 
_struct_ref_seq_dif.pdbx_seq_db_seq_num 
_struct_ref_seq_dif.details 
_struct_ref_seq_dif.pdbx_auth_seq_num 
_struct_ref_seq_dif.pdbx_ordinal 
1 1JWC G A 1 ? GB 51308 A 573 'SEE REMARK 999' -6 1 
1 1JWC G A 2 ? GB 51308 A 574 'SEE REMARK 999' -5 2 
1 1JWC C A 4 ? GB 51308 A 576 'SEE REMARK 999' -3 3 
# 
_pdbx_struct_assembly.id                   1 
_pdbx_struct_assembly.details              author_defined_assembly 
_pdbx_struct_assembly.method_details       ? 
_pdbx_struct_assembly.oligomeric_details   monomeric 
_pdbx_struct_assembly.oligomeric_count     1 
# 
_pdbx_struct_assembly_gen.assembly_id       1 
_pdbx_struct_assembly_gen.oper_expression   1 
_pdbx_struct_assembly_gen.asym_id_list      A 
# 
_pdbx_struct_oper_list.id                   1 
_pdbx_struct_oper_list.type                 'identity operation' 
_pdbx_struct_oper_list.name                 1_555 
_pdbx_struct_oper_list.symmetry_operation   x,y,z 
_pdbx_struct_oper_list.matrix[1][1]         1.0000000000 
_pdbx_struct_oper_list.matrix[1][2]         0.0000000000 
_pdbx_struct_oper_list.matrix[1][3]         0.0000000000 
_pdbx_struct_oper_list.vector[1]            0.0000000000 
_pdbx_struct_oper_list.matrix[2][1]         0.0000000000 
_pdbx_struct_oper_list.matrix[2][2]         1.0000000000 
_pdbx_struct_oper_list.matrix[2][3]         0.0000000000 
_pdbx_struct_oper_list.vector[2]            0.0000000000 
_pdbx_struct_oper_list.matrix[3][1]         0.0000000000 
_pdbx_struct_oper_list.matrix[3][2]         0.0000000000 
_pdbx_struct_oper_list.matrix[3][3]         1.0000000000 
_pdbx_struct_oper_list.vector[3]            0.0000000000 
# 
_struct_biol.id   1 
# 
loop_
_struct_conn.id 
_struct_conn.conn_type_id 
_struct_conn.pdbx_leaving_atom_flag 
_struct_conn.pdbx_PDB_id 
_struct_conn.ptnr1_label_asym_id 
_struct_conn.ptnr1_label_comp_id 
_struct_conn.ptnr1_label_seq_id 
_struct_conn.ptnr1_label_atom_id 
_struct_conn.pdbx_ptnr1_label_alt_id 
_struct_conn.pdbx_ptnr1_PDB_ins_code 
_struct_conn.pdbx_ptnr1_standard_comp_id 
_struct_conn.ptnr1_symmetry 
_struct_conn.ptnr2_label_asym_id 
_struct_conn.ptnr2_label_comp_id 
_struct_conn.ptnr2_label_seq_id 
_struct_conn.ptnr2_label_atom_id 
_struct_conn.pdbx_ptnr2_label_alt_id 
_struct_conn.pdbx_ptnr2_PDB_ins_code 
_struct_conn.ptnr1_auth_asym_id 
_struct_conn.ptnr1_auth_comp_id 
_struct_conn.ptnr1_auth_seq_id 
_struct_conn.ptnr2_auth_asym_id 
_struct_conn.ptnr2_auth_comp_id 
_struct_conn.ptnr2_auth_seq_id 
_struct_conn.ptnr2_symmetry 
_struct_conn.pdbx_ptnr3_label_atom_id 
_struct_conn.pdbx_ptnr3_label_seq_id 
_struct_conn.pdbx_ptnr3_label_comp_id 
_struct_conn.pdbx_ptnr3_label_asym_id 
_struct_conn.pdbx_ptnr3_label_alt_id 
_struct_conn.pdbx_ptnr3_PDB_ins_code 
_struct_conn.details 
_struct_conn.pdbx_dist_value 
_struct_conn.pdbx_value_order 
_struct_conn.pdbx_role 
hydrog1  hydrog ? ? A G 8  N1 ? ? ? 1_555 A C 23 N3 ? ? A G 1 A C 16 1_555 ? ? ? ? ? ? WATSON-CRICK ? ? ? 
hydrog2  hydrog ? ? A G 8  N2 ? ? ? 1_555 A C 23 O2 ? ? A G 1 A C 16 1_555 ? ? ? ? ? ? WATSON-CRICK ? ? ? 
hydrog3  hydrog ? ? A G 8  O6 ? ? ? 1_555 A C 23 N4 ? ? A G 1 A C 16 1_555 ? ? ? ? ? ? WATSON-CRICK ? ? ? 
hydrog4  hydrog ? ? A G 9  N1 ? ? ? 1_555 A C 22 N3 ? ? A G 2 A C 15 1_555 ? ? ? ? ? ? WATSON-CRICK ? ? ? 
hydrog5  hydrog ? ? A G 9  N2 ? ? ? 1_555 A C 22 O2 ? ? A G 2 A C 15 1_555 ? ? ? ? ? ? WATSON-CRICK ? ? ? 
hydrog6  hydrog ? ? A G 9  O6 ? ? ? 1_555 A C 22 N4 ? ? A G 2 A C 15 1_555 ? ? ? ? ? ? WATSON-CRICK ? ? ? 
hydrog7  hydrog ? ? A C 10 N3 ? ? ? 1_555 A G 21 N1 ? ? A C 3 A G 14 1_555 ? ? ? ? ? ? WATSON-CRICK ? ? ? 
hydrog8  hydrog ? ? A C 10 N4 ? ? ? 1_555 A G 21 O6 ? ? A C 3 A G 14 1_555 ? ? ? ? ? ? WATSON-CRICK ? ? ? 
hydrog9  hydrog ? ? A C 10 O2 ? ? ? 1_555 A G 21 N2 ? ? A C 3 A G 14 1_555 ? ? ? ? ? ? WATSON-CRICK ? ? ? 
hydrog10 hydrog ? ? A C 11 O2 ? ? ? 1_555 A G 20 N2 ? ? A C 4 A G 13 1_555 ? ? ? ? ? ? 'C-G PAIR'   ? ? ? 
hydrog11 hydrog ? ? A C 12 N3 ? ? ? 1_555 A G 19 N1 ? ? A C 5 A G 12 1_555 ? ? ? ? ? ? WATSON-CRICK ? ? ? 
hydrog12 hydrog ? ? A C 12 N4 ? ? ? 1_555 A G 19 O6 ? ? A C 5 A G 12 1_555 ? ? ? ? ? ? WATSON-CRICK ? ? ? 
hydrog13 hydrog ? ? A C 12 O2 ? ? ? 1_555 A G 19 N2 ? ? A C 5 A G 12 1_555 ? ? ? ? ? ? WATSON-CRICK ? ? ? 
hydrog14 hydrog ? ? A U 13 N3 ? ? ? 1_555 A A 18 N1 ? ? A U 6 A A 11 1_555 ? ? ? ? ? ? WATSON-CRICK ? ? ? 
hydrog15 hydrog ? ? A U 13 O4 ? ? ? 1_555 A A 18 N6 ? ? A U 6 A A 11 1_555 ? ? ? ? ? ? WATSON-CRICK ? ? ? 
# 
_struct_conn_type.id          hydrog 
_struct_conn_type.criteria    ? 
_struct_conn_type.reference   ? 
# 
loop_
_pdbx_validate_rmsd_angle.id 
_pdbx_validate_rmsd_angle.PDB_model_num 
_pdbx_validate_rmsd_angle.auth_atom_id_1 
_pdbx_validate_rmsd_angle.auth_asym_id_1 
_pdbx_validate_rmsd_angle.auth_comp_id_1 
_pdbx_validate_rmsd_angle.auth_seq_id_1 
_pdbx_validate_rmsd_angle.PDB_ins_code_1 
_pdbx_validate_rmsd_angle.label_alt_id_1 
_pdbx_validate_rmsd_angle.auth_atom_id_2 
_pdbx_validate_rmsd_angle.auth_asym_id_2 
_pdbx_validate_rmsd_angle.auth_comp_id_2 
_pdbx_validate_rmsd_angle.auth_seq_id_2 
_pdbx_validate_rmsd_angle.PDB_ins_code_2 
_pdbx_validate_rmsd_angle.label_alt_id_2 
_pdbx_validate_rmsd_angle.auth_atom_id_3 
_pdbx_validate_rmsd_angle.auth_asym_id_3 
_pdbx_validate_rmsd_angle.auth_comp_id_3 
_pdbx_validate_rmsd_angle.auth_seq_id_3 
_pdbx_validate_rmsd_angle.PDB_ins_code_3 
_pdbx_validate_rmsd_angle.label_alt_id_3 
_pdbx_validate_rmsd_angle.angle_value 
_pdbx_validate_rmsd_angle.angle_target_value 
_pdbx_validate_rmsd_angle.angle_deviation 
_pdbx_validate_rmsd_angle.angle_standard_deviation 
_pdbx_validate_rmsd_angle.linker_flag 
1  1 N7 A G 1  ? ? C8 A G 1  ? ? N9 A G 1  ? ? 117.61 113.10 4.51  0.50 N 
2  1 C8 A G 1  ? ? N9 A G 1  ? ? C4 A G 1  ? ? 103.54 106.40 -2.86 0.40 N 
3  1 N7 A G 2  ? ? C8 A G 2  ? ? N9 A G 2  ? ? 117.60 113.10 4.50  0.50 N 
4  1 C8 A G 2  ? ? N9 A G 2  ? ? C4 A G 2  ? ? 103.55 106.40 -2.85 0.40 N 
5  1 N7 A A 11 ? ? C8 A A 11 ? ? N9 A A 11 ? ? 117.51 113.80 3.71  0.50 N 
6  1 C8 A A 11 ? ? N9 A A 11 ? ? C4 A A 11 ? ? 103.36 105.80 -2.44 0.40 N 
7  1 N7 A G 12 ? ? C8 A G 12 ? ? N9 A G 12 ? ? 117.59 113.10 4.49  0.50 N 
8  1 C8 A G 12 ? ? N9 A G 12 ? ? C4 A G 12 ? ? 103.54 106.40 -2.86 0.40 N 
9  1 N7 A G 13 ? ? C8 A G 13 ? ? N9 A G 13 ? ? 117.66 113.10 4.56  0.50 N 
10 1 C8 A G 13 ? ? N9 A G 13 ? ? C4 A G 13 ? ? 103.50 106.40 -2.90 0.40 N 
11 1 N7 A G 14 ? ? C8 A G 14 ? ? N9 A G 14 ? ? 117.64 113.10 4.54  0.50 N 
12 1 C8 A G 14 ? ? N9 A G 14 ? ? C4 A G 14 ? ? 103.49 106.40 -2.91 0.40 N 
# 
_pdbx_nmr_ensemble.entry_id                             1JWC 
_pdbx_nmr_ensemble.conformers_calculated_total_number   ? 
_pdbx_nmr_ensemble.conformers_submitted_total_number    1 
_pdbx_nmr_ensemble.conformer_selection_criteria         ? 
# 
_pdbx_nmr_representative.entry_id             1JWC 
_pdbx_nmr_representative.conformer_id         1 
_pdbx_nmr_representative.selection_criteria   'minimized average structure' 
# 
loop_
_pdbx_nmr_sample_details.solution_id 
_pdbx_nmr_sample_details.contents 
_pdbx_nmr_sample_details.solvent_system 
1 '2.3 MM U-13C; 20 MM KPI,                                  20 MM KCL, 0.02 MM EDTA' '100% D2O' 
2 '2.5 MM 15N-labeled; 20 MM KPI,             20 MM KCL, 0.02 MM EDTA'                '100% D2O' 
# 
loop_
_pdbx_nmr_exptl_sample_conditions.conditions_id 
_pdbx_nmr_exptl_sample_conditions.temperature 
_pdbx_nmr_exptl_sample_conditions.pressure 
_pdbx_nmr_exptl_sample_conditions.pH 
_pdbx_nmr_exptl_sample_conditions.ionic_strength 
_pdbx_nmr_exptl_sample_conditions.pressure_units 
_pdbx_nmr_exptl_sample_conditions.temperature_units 
1 301 ambient 6.8 '100 mM' ? K 
2 278 ambient 6.8 '100 mM' ? K 
# 
loop_
_pdbx_nmr_exptl.experiment_id 
_pdbx_nmr_exptl.solution_id 
_pdbx_nmr_exptl.conditions_id 
_pdbx_nmr_exptl.type 
1 1 1 noesy                  
2 1 1 3D_13C-separated_NOESY 
3 2 2 3D_15N-separated_NOESY 
4 2 1 DQF-COSY               
5 2 1 HetCor                 
# 
_pdbx_nmr_details.entry_id   1JWC 
_pdbx_nmr_details.text       'THIS STRUCTURE WAS DETERMINED USING A VARIETY OF 2D AND 3D HOMO- AND HETERO-NUCLEAR NMR METHODS' 
# 
_pdbx_nmr_refine.entry_id           1JWC 
_pdbx_nmr_refine.method             'simulated annealing' 
_pdbx_nmr_refine.details            
;CALCULATIONS WERE PERFORMED 
USING 232 CONFORMATIONALLY RESTRICTIVE NOE DERIVED DISTANCE CONSTRAINTS AND 55 BACKBONE AND 15 RIBOSE TORSION ANGLE CONSTRAINTS. BASE PAIR CONSTRAINTS WERE INTRODUCED FOR SIX BASE PAIRS USING HEAVY ATOM-HEAVY ATOM CONSTRAINTS. COORDINATES ARE FOR THE HAIRPIN DOMAIN ONLY. 5' FLANKING (GGCCAAA) AND 3' FLANKING (ACCCA) COORDINATES ARE NOT INCLUDED WITH THIS DEPOSITION. FEW CONSTRAINTS WERE OBTAINED FOR THESE VERY DYNAMIC REGIONS AND ALTHOUGH THEY WERE INCLUDED AS PART OF THE STRUCTURE CALCULATION, THEIR CONFORMATIONS APPEAR TO BE RANDOMLY DISTRIBUTED.
;
_pdbx_nmr_refine.software_ordinal   1 
# 
loop_
_pdbx_nmr_software.name 
_pdbx_nmr_software.version 
_pdbx_nmr_software.classification 
_pdbx_nmr_software.authors 
_pdbx_nmr_software.ordinal 
X-PLOR 3.851 refinement 'Brunger, A.' 1 
Felix  980   processing Biosym        2 
# 
loop_
_pdbx_unobs_or_zero_occ_residues.id 
_pdbx_unobs_or_zero_occ_residues.PDB_model_num 
_pdbx_unobs_or_zero_occ_residues.polymer_flag 
_pdbx_unobs_or_zero_occ_residues.occupancy_flag 
_pdbx_unobs_or_zero_occ_residues.auth_asym_id 
_pdbx_unobs_or_zero_occ_residues.auth_comp_id 
_pdbx_unobs_or_zero_occ_residues.auth_seq_id 
_pdbx_unobs_or_zero_occ_residues.PDB_ins_code 
_pdbx_unobs_or_zero_occ_residues.label_asym_id 
_pdbx_unobs_or_zero_occ_residues.label_comp_id 
_pdbx_unobs_or_zero_occ_residues.label_seq_id 
1  1 Y 1 A G -6 ? A G 1  
2  1 Y 1 A G -5 ? A G 2  
3  1 Y 1 A C -4 ? A C 3  
4  1 Y 1 A C -3 ? A C 4  
5  1 Y 1 A A -2 ? A A 5  
6  1 Y 1 A A -1 ? A A 6  
7  1 Y 1 A A 0  ? A A 7  
8  1 Y 1 A A 17 ? A A 24 
9  1 Y 1 A C 18 ? A C 25 
10 1 Y 1 A C 19 ? A C 26 
11 1 Y 1 A C 20 ? A C 27 
12 1 Y 1 A A 21 ? A A 28 
# 
loop_
_chem_comp_atom.comp_id 
_chem_comp_atom.atom_id 
_chem_comp_atom.type_symbol 
_chem_comp_atom.pdbx_aromatic_flag 
_chem_comp_atom.pdbx_stereo_config 
_chem_comp_atom.pdbx_ordinal 
A OP3    O N N 1   
A P      P N N 2   
A OP1    O N N 3   
A OP2    O N N 4   
A "O5'"  O N N 5   
A "C5'"  C N N 6   
A "C4'"  C N R 7   
A "O4'"  O N N 8   
A "C3'"  C N S 9   
A "O3'"  O N N 10  
A "C2'"  C N R 11  
A "O2'"  O N N 12  
A "C1'"  C N R 13  
A N9     N Y N 14  
A C8     C Y N 15  
A N7     N Y N 16  
A C5     C Y N 17  
A C6     C Y N 18  
A N6     N N N 19  
A N1     N Y N 20  
A C2     C Y N 21  
A N3     N Y N 22  
A C4     C Y N 23  
A HOP3   H N N 24  
A HOP2   H N N 25  
A "H5'"  H N N 26  
A "H5''" H N N 27  
A "H4'"  H N N 28  
A "H3'"  H N N 29  
A "HO3'" H N N 30  
A "H2'"  H N N 31  
A "HO2'" H N N 32  
A "H1'"  H N N 33  
A H8     H N N 34  
A H61    H N N 35  
A H62    H N N 36  
A H2     H N N 37  
C OP3    O N N 38  
C P      P N N 39  
C OP1    O N N 40  
C OP2    O N N 41  
C "O5'"  O N N 42  
C "C5'"  C N N 43  
C "C4'"  C N R 44  
C "O4'"  O N N 45  
C "C3'"  C N S 46  
C "O3'"  O N N 47  
C "C2'"  C N R 48  
C "O2'"  O N N 49  
C "C1'"  C N R 50  
C N1     N N N 51  
C C2     C N N 52  
C O2     O N N 53  
C N3     N N N 54  
C C4     C N N 55  
C N4     N N N 56  
C C5     C N N 57  
C C6     C N N 58  
C HOP3   H N N 59  
C HOP2   H N N 60  
C "H5'"  H N N 61  
C "H5''" H N N 62  
C "H4'"  H N N 63  
C "H3'"  H N N 64  
C "HO3'" H N N 65  
C "H2'"  H N N 66  
C "HO2'" H N N 67  
C "H1'"  H N N 68  
C H41    H N N 69  
C H42    H N N 70  
C H5     H N N 71  
C H6     H N N 72  
G OP3    O N N 73  
G P      P N N 74  
G OP1    O N N 75  
G OP2    O N N 76  
G "O5'"  O N N 77  
G "C5'"  C N N 78  
G "C4'"  C N R 79  
G "O4'"  O N N 80  
G "C3'"  C N S 81  
G "O3'"  O N N 82  
G "C2'"  C N R 83  
G "O2'"  O N N 84  
G "C1'"  C N R 85  
G N9     N Y N 86  
G C8     C Y N 87  
G N7     N Y N 88  
G C5     C Y N 89  
G C6     C N N 90  
G O6     O N N 91  
G N1     N N N 92  
G C2     C N N 93  
G N2     N N N 94  
G N3     N N N 95  
G C4     C Y N 96  
G HOP3   H N N 97  
G HOP2   H N N 98  
G "H5'"  H N N 99  
G "H5''" H N N 100 
G "H4'"  H N N 101 
G "H3'"  H N N 102 
G "HO3'" H N N 103 
G "H2'"  H N N 104 
G "HO2'" H N N 105 
G "H1'"  H N N 106 
G H8     H N N 107 
G H1     H N N 108 
G H21    H N N 109 
G H22    H N N 110 
U OP3    O N N 111 
U P      P N N 112 
U OP1    O N N 113 
U OP2    O N N 114 
U "O5'"  O N N 115 
U "C5'"  C N N 116 
U "C4'"  C N R 117 
U "O4'"  O N N 118 
U "C3'"  C N S 119 
U "O3'"  O N N 120 
U "C2'"  C N R 121 
U "O2'"  O N N 122 
U "C1'"  C N R 123 
U N1     N N N 124 
U C2     C N N 125 
U O2     O N N 126 
U N3     N N N 127 
U C4     C N N 128 
U O4     O N N 129 
U C5     C N N 130 
U C6     C N N 131 
U HOP3   H N N 132 
U HOP2   H N N 133 
U "H5'"  H N N 134 
U "H5''" H N N 135 
U "H4'"  H N N 136 
U "H3'"  H N N 137 
U "HO3'" H N N 138 
U "H2'"  H N N 139 
U "HO2'" H N N 140 
U "H1'"  H N N 141 
U H3     H N N 142 
U H5     H N N 143 
U H6     H N N 144 
# 
loop_
_chem_comp_bond.comp_id 
_chem_comp_bond.atom_id_1 
_chem_comp_bond.atom_id_2 
_chem_comp_bond.value_order 
_chem_comp_bond.pdbx_aromatic_flag 
_chem_comp_bond.pdbx_stereo_config 
_chem_comp_bond.pdbx_ordinal 
A OP3   P      sing N N 1   
A OP3   HOP3   sing N N 2   
A P     OP1    doub N N 3   
A P     OP2    sing N N 4   
A P     "O5'"  sing N N 5   
A OP2   HOP2   sing N N 6   
A "O5'" "C5'"  sing N N 7   
A "C5'" "C4'"  sing N N 8   
A "C5'" "H5'"  sing N N 9   
A "C5'" "H5''" sing N N 10  
A "C4'" "O4'"  sing N N 11  
A "C4'" "C3'"  sing N N 12  
A "C4'" "H4'"  sing N N 13  
A "O4'" "C1'"  sing N N 14  
A "C3'" "O3'"  sing N N 15  
A "C3'" "C2'"  sing N N 16  
A "C3'" "H3'"  sing N N 17  
A "O3'" "HO3'" sing N N 18  
A "C2'" "O2'"  sing N N 19  
A "C2'" "C1'"  sing N N 20  
A "C2'" "H2'"  sing N N 21  
A "O2'" "HO2'" sing N N 22  
A "C1'" N9     sing N N 23  
A "C1'" "H1'"  sing N N 24  
A N9    C8     sing Y N 25  
A N9    C4     sing Y N 26  
A C8    N7     doub Y N 27  
A C8    H8     sing N N 28  
A N7    C5     sing Y N 29  
A C5    C6     sing Y N 30  
A C5    C4     doub Y N 31  
A C6    N6     sing N N 32  
A C6    N1     doub Y N 33  
A N6    H61    sing N N 34  
A N6    H62    sing N N 35  
A N1    C2     sing Y N 36  
A C2    N3     doub Y N 37  
A C2    H2     sing N N 38  
A N3    C4     sing Y N 39  
C OP3   P      sing N N 40  
C OP3   HOP3   sing N N 41  
C P     OP1    doub N N 42  
C P     OP2    sing N N 43  
C P     "O5'"  sing N N 44  
C OP2   HOP2   sing N N 45  
C "O5'" "C5'"  sing N N 46  
C "C5'" "C4'"  sing N N 47  
C "C5'" "H5'"  sing N N 48  
C "C5'" "H5''" sing N N 49  
C "C4'" "O4'"  sing N N 50  
C "C4'" "C3'"  sing N N 51  
C "C4'" "H4'"  sing N N 52  
C "O4'" "C1'"  sing N N 53  
C "C3'" "O3'"  sing N N 54  
C "C3'" "C2'"  sing N N 55  
C "C3'" "H3'"  sing N N 56  
C "O3'" "HO3'" sing N N 57  
C "C2'" "O2'"  sing N N 58  
C "C2'" "C1'"  sing N N 59  
C "C2'" "H2'"  sing N N 60  
C "O2'" "HO2'" sing N N 61  
C "C1'" N1     sing N N 62  
C "C1'" "H1'"  sing N N 63  
C N1    C2     sing N N 64  
C N1    C6     sing N N 65  
C C2    O2     doub N N 66  
C C2    N3     sing N N 67  
C N3    C4     doub N N 68  
C C4    N4     sing N N 69  
C C4    C5     sing N N 70  
C N4    H41    sing N N 71  
C N4    H42    sing N N 72  
C C5    C6     doub N N 73  
C C5    H5     sing N N 74  
C C6    H6     sing N N 75  
G OP3   P      sing N N 76  
G OP3   HOP3   sing N N 77  
G P     OP1    doub N N 78  
G P     OP2    sing N N 79  
G P     "O5'"  sing N N 80  
G OP2   HOP2   sing N N 81  
G "O5'" "C5'"  sing N N 82  
G "C5'" "C4'"  sing N N 83  
G "C5'" "H5'"  sing N N 84  
G "C5'" "H5''" sing N N 85  
G "C4'" "O4'"  sing N N 86  
G "C4'" "C3'"  sing N N 87  
G "C4'" "H4'"  sing N N 88  
G "O4'" "C1'"  sing N N 89  
G "C3'" "O3'"  sing N N 90  
G "C3'" "C2'"  sing N N 91  
G "C3'" "H3'"  sing N N 92  
G "O3'" "HO3'" sing N N 93  
G "C2'" "O2'"  sing N N 94  
G "C2'" "C1'"  sing N N 95  
G "C2'" "H2'"  sing N N 96  
G "O2'" "HO2'" sing N N 97  
G "C1'" N9     sing N N 98  
G "C1'" "H1'"  sing N N 99  
G N9    C8     sing Y N 100 
G N9    C4     sing Y N 101 
G C8    N7     doub Y N 102 
G C8    H8     sing N N 103 
G N7    C5     sing Y N 104 
G C5    C6     sing N N 105 
G C5    C4     doub Y N 106 
G C6    O6     doub N N 107 
G C6    N1     sing N N 108 
G N1    C2     sing N N 109 
G N1    H1     sing N N 110 
G C2    N2     sing N N 111 
G C2    N3     doub N N 112 
G N2    H21    sing N N 113 
G N2    H22    sing N N 114 
G N3    C4     sing N N 115 
U OP3   P      sing N N 116 
U OP3   HOP3   sing N N 117 
U P     OP1    doub N N 118 
U P     OP2    sing N N 119 
U P     "O5'"  sing N N 120 
U OP2   HOP2   sing N N 121 
U "O5'" "C5'"  sing N N 122 
U "C5'" "C4'"  sing N N 123 
U "C5'" "H5'"  sing N N 124 
U "C5'" "H5''" sing N N 125 
U "C4'" "O4'"  sing N N 126 
U "C4'" "C3'"  sing N N 127 
U "C4'" "H4'"  sing N N 128 
U "O4'" "C1'"  sing N N 129 
U "C3'" "O3'"  sing N N 130 
U "C3'" "C2'"  sing N N 131 
U "C3'" "H3'"  sing N N 132 
U "O3'" "HO3'" sing N N 133 
U "C2'" "O2'"  sing N N 134 
U "C2'" "C1'"  sing N N 135 
U "C2'" "H2'"  sing N N 136 
U "O2'" "HO2'" sing N N 137 
U "C1'" N1     sing N N 138 
U "C1'" "H1'"  sing N N 139 
U N1    C2     sing N N 140 
U N1    C6     sing N N 141 
U C2    O2     doub N N 142 
U C2    N3     sing N N 143 
U N3    C4     sing N N 144 
U N3    H3     sing N N 145 
U C4    O4     doub N N 146 
U C4    C5     sing N N 147 
U C5    C6     doub N N 148 
U C5    H5     sing N N 149 
U C6    H6     sing N N 150 
# 
loop_
_ndb_struct_conf_na.entry_id 
_ndb_struct_conf_na.feature 
1JWC 'double helix' 
1JWC 'hairpin loop' 
# 
loop_
_ndb_struct_na_base_pair.model_number 
_ndb_struct_na_base_pair.i_label_asym_id 
_ndb_struct_na_base_pair.i_label_comp_id 
_ndb_struct_na_base_pair.i_label_seq_id 
_ndb_struct_na_base_pair.i_symmetry 
_ndb_struct_na_base_pair.j_label_asym_id 
_ndb_struct_na_base_pair.j_label_comp_id 
_ndb_struct_na_base_pair.j_label_seq_id 
_ndb_struct_na_base_pair.j_symmetry 
_ndb_struct_na_base_pair.shear 
_ndb_struct_na_base_pair.stretch 
_ndb_struct_na_base_pair.stagger 
_ndb_struct_na_base_pair.buckle 
_ndb_struct_na_base_pair.propeller 
_ndb_struct_na_base_pair.opening 
_ndb_struct_na_base_pair.pair_number 
_ndb_struct_na_base_pair.pair_name 
_ndb_struct_na_base_pair.i_auth_asym_id 
_ndb_struct_na_base_pair.i_auth_seq_id 
_ndb_struct_na_base_pair.i_PDB_ins_code 
_ndb_struct_na_base_pair.j_auth_asym_id 
_ndb_struct_na_base_pair.j_auth_seq_id 
_ndb_struct_na_base_pair.j_PDB_ins_code 
_ndb_struct_na_base_pair.hbond_type_28 
_ndb_struct_na_base_pair.hbond_type_12 
1 A G 8  1_555 A C 23 1_555 -0.152 0.295 1.242  15.759  0.174   -4.747 1 A_G1:C16_A A 1 ? A 16 ? 19 1 
1 A G 9  1_555 A C 22 1_555 -0.121 0.484 -0.307 -20.174 7.041   -2.202 2 A_G2:C15_A A 2 ? A 15 ? 19 1 
1 A C 10 1_555 A G 21 1_555 -0.078 0.364 -0.586 -6.309  -1.163  -3.229 3 A_C3:G14_A A 3 ? A 14 ? 19 1 
1 A C 11 1_555 A G 20 1_555 0.178  0.450 -0.580 5.957   -9.975  0.581  4 A_C4:G13_A A 4 ? A 13 ? ?  ? 
1 A C 12 1_555 A G 19 1_555 0.155  0.403 -0.547 21.552  -18.931 -2.597 5 A_C5:G12_A A 5 ? A 12 ? 19 1 
1 A U 13 1_555 A A 18 1_555 -0.481 0.296 0.091  0.665   -27.971 -2.657 6 A_U6:A11_A A 6 ? A 11 ? 20 1 
# 
loop_
_ndb_struct_na_base_pair_step.model_number 
_ndb_struct_na_base_pair_step.i_label_asym_id_1 
_ndb_struct_na_base_pair_step.i_label_comp_id_1 
_ndb_struct_na_base_pair_step.i_label_seq_id_1 
_ndb_struct_na_base_pair_step.i_symmetry_1 
_ndb_struct_na_base_pair_step.j_label_asym_id_1 
_ndb_struct_na_base_pair_step.j_label_comp_id_1 
_ndb_struct_na_base_pair_step.j_label_seq_id_1 
_ndb_struct_na_base_pair_step.j_symmetry_1 
_ndb_struct_na_base_pair_step.i_label_asym_id_2 
_ndb_struct_na_base_pair_step.i_label_comp_id_2 
_ndb_struct_na_base_pair_step.i_label_seq_id_2 
_ndb_struct_na_base_pair_step.i_symmetry_2 
_ndb_struct_na_base_pair_step.j_label_asym_id_2 
_ndb_struct_na_base_pair_step.j_label_comp_id_2 
_ndb_struct_na_base_pair_step.j_label_seq_id_2 
_ndb_struct_na_base_pair_step.j_symmetry_2 
_ndb_struct_na_base_pair_step.shift 
_ndb_struct_na_base_pair_step.slide 
_ndb_struct_na_base_pair_step.rise 
_ndb_struct_na_base_pair_step.tilt 
_ndb_struct_na_base_pair_step.roll 
_ndb_struct_na_base_pair_step.twist 
_ndb_struct_na_base_pair_step.x_displacement 
_ndb_struct_na_base_pair_step.y_displacement 
_ndb_struct_na_base_pair_step.helical_rise 
_ndb_struct_na_base_pair_step.inclination 
_ndb_struct_na_base_pair_step.tip 
_ndb_struct_na_base_pair_step.helical_twist 
_ndb_struct_na_base_pair_step.step_number 
_ndb_struct_na_base_pair_step.step_name 
_ndb_struct_na_base_pair_step.i_auth_asym_id_1 
_ndb_struct_na_base_pair_step.i_auth_seq_id_1 
_ndb_struct_na_base_pair_step.i_PDB_ins_code_1 
_ndb_struct_na_base_pair_step.j_auth_asym_id_1 
_ndb_struct_na_base_pair_step.j_auth_seq_id_1 
_ndb_struct_na_base_pair_step.j_PDB_ins_code_1 
_ndb_struct_na_base_pair_step.i_auth_asym_id_2 
_ndb_struct_na_base_pair_step.i_auth_seq_id_2 
_ndb_struct_na_base_pair_step.i_PDB_ins_code_2 
_ndb_struct_na_base_pair_step.j_auth_asym_id_2 
_ndb_struct_na_base_pair_step.j_auth_seq_id_2 
_ndb_struct_na_base_pair_step.j_PDB_ins_code_2 
1 A G 8  1_555 A C 23 1_555 A G 9  1_555 A C 22 1_555 1.200  -1.118 6.201 7.636  28.795 27.878 -7.500 -0.169 3.751 46.237 -12.261 
40.583 1 AA_G1G2:C15C16_AA A 1 ? A 16 ? A 2 ? A 15 ? 
1 A G 9  1_555 A C 22 1_555 A C 10 1_555 A G 21 1_555 0.022  -1.222 3.793 1.991  22.473 15.048 -8.162 0.444  1.115 56.495 -5.006  
27.065 2 AA_G2C3:G14C15_AA A 2 ? A 15 ? A 3 ? A 14 ? 
1 A C 10 1_555 A G 21 1_555 A C 11 1_555 A G 20 1_555 0.701  -1.627 3.524 0.280  15.803 20.551 -7.656 -1.493 1.832 37.882 -0.672  
25.874 3 AA_C3C4:G13G14_AA A 3 ? A 14 ? A 4 ? A 13 ? 
1 A C 11 1_555 A G 20 1_555 A C 12 1_555 A G 19 1_555 -0.708 -1.464 3.559 -0.711 8.438  24.325 -5.697 1.386  2.913 19.292 1.626   
25.735 4 AA_C4C5:G12G13_AA A 4 ? A 13 ? A 5 ? A 12 ? 
1 A C 12 1_555 A G 19 1_555 A U 13 1_555 A A 18 1_555 0.289  -2.206 3.894 -5.102 26.177 26.966 -6.563 -1.062 1.267 44.633 8.698   
37.752 5 AA_C5U6:A11G12_AA A 5 ? A 12 ? A 6 ? A 11 ? 
# 
_pdbx_nmr_spectrometer.spectrometer_id   1 
_pdbx_nmr_spectrometer.type              ? 
_pdbx_nmr_spectrometer.manufacturer      Bruker 
_pdbx_nmr_spectrometer.model             AMX 
_pdbx_nmr_spectrometer.field_strength    500 
# 
_atom_sites.entry_id                    1JWC 
_atom_sites.fract_transf_matrix[1][1]   1.000000 
_atom_sites.fract_transf_matrix[1][2]   0.000000 
_atom_sites.fract_transf_matrix[1][3]   0.000000 
_atom_sites.fract_transf_matrix[2][1]   0.000000 
_atom_sites.fract_transf_matrix[2][2]   1.000000 
_atom_sites.fract_transf_matrix[2][3]   0.000000 
_atom_sites.fract_transf_matrix[3][1]   0.000000 
_atom_sites.fract_transf_matrix[3][2]   0.000000 
_atom_sites.fract_transf_matrix[3][3]   1.000000 
_atom_sites.fract_transf_vector[1]      0.00000 
_atom_sites.fract_transf_vector[2]      0.00000 
_atom_sites.fract_transf_vector[3]      0.00000 
# 
loop_
_atom_type.symbol 
C 
H 
N 
O 
P 
# 
loop_
_atom_site.group_PDB 
_atom_site.id 
_atom_site.type_symbol 
_atom_site.label_atom_id 
_atom_site.label_alt_id 
_atom_site.label_comp_id 
_atom_site.label_asym_id 
_atom_site.label_entity_id 
_atom_site.label_seq_id 
_atom_site.pdbx_PDB_ins_code 
_atom_site.Cartn_x 
_atom_site.Cartn_y 
_atom_site.Cartn_z 
_atom_site.occupancy 
_atom_site.B_iso_or_equiv 
_atom_site.pdbx_formal_charge 
_atom_site.auth_seq_id 
_atom_site.auth_comp_id 
_atom_site.auth_asym_id 
_atom_site.auth_atom_id 
_atom_site.pdbx_PDB_model_num 
ATOM 1   O "O5'"  . G A 1 8  ? -13.969 -6.408  6.811   1.00 6.60 ? 1  G A "O5'"  1 
ATOM 2   C "C5'"  . G A 1 8  ? -13.277 -5.168  7.011   1.00 6.65 ? 1  G A "C5'"  1 
ATOM 3   C "C4'"  . G A 1 8  ? -12.893 -4.950  8.475   1.00 6.21 ? 1  G A "C4'"  1 
ATOM 4   O "O4'"  . G A 1 8  ? -11.797 -5.792  8.852   1.00 5.86 ? 1  G A "O4'"  1 
ATOM 5   C "C3'"  . G A 1 8  ? -12.415 -3.520  8.737   1.00 5.81 ? 1  G A "C3'"  1 
ATOM 6   O "O3'"  . G A 1 8  ? -13.490 -2.773  9.325   1.00 6.21 ? 1  G A "O3'"  1 
ATOM 7   C "C2'"  . G A 1 8  ? -11.232 -3.645  9.697   1.00 5.28 ? 1  G A "C2'"  1 
ATOM 8   O "O2'"  . G A 1 8  ? -11.593 -3.214  11.015  1.00 5.42 ? 1  G A "O2'"  1 
ATOM 9   C "C1'"  . G A 1 8  ? -10.847 -5.126  9.694   1.00 5.27 ? 1  G A "C1'"  1 
ATOM 10  N N9     . G A 1 8  ? -9.462  -5.329  9.197   1.00 4.85 ? 1  G A N9     1 
ATOM 11  C C8     . G A 1 8  ? -9.006  -5.471  7.923   1.00 4.80 ? 1  G A C8     1 
ATOM 12  N N7     . G A 1 8  ? -7.738  -5.647  7.757   1.00 4.46 ? 1  G A N7     1 
ATOM 13  C C5     . G A 1 8  ? -7.268  -5.624  9.075   1.00 4.26 ? 1  G A C5     1 
ATOM 14  C C6     . G A 1 8  ? -5.942  -5.767  9.572   1.00 3.96 ? 1  G A C6     1 
ATOM 15  O O6     . G A 1 8  ? -4.905  -5.945  8.936   1.00 3.82 ? 1  G A O6     1 
ATOM 16  N N1     . G A 1 8  ? -5.905  -5.683  10.957  1.00 3.94 ? 1  G A N1     1 
ATOM 17  C C2     . G A 1 8  ? -7.004  -5.487  11.773  1.00 4.15 ? 1  G A C2     1 
ATOM 18  N N2     . G A 1 8  ? -6.768  -5.433  13.086  1.00 4.16 ? 1  G A N2     1 
ATOM 19  N N3     . G A 1 8  ? -8.253  -5.352  11.314  1.00 4.44 ? 1  G A N3     1 
ATOM 20  C C4     . G A 1 8  ? -8.315  -5.431  9.964   1.00 4.48 ? 1  G A C4     1 
ATOM 21  H "H5'"  . G A 1 8  ? -13.923 -4.348  6.727   1.00 6.85 ? 1  G A "H5'"  1 
ATOM 22  H "H5''" . G A 1 8  ? -12.376 -5.169  6.378   1.00 7.07 ? 1  G A "H5''" 1 
ATOM 23  H "H4'"  . G A 1 8  ? -13.751 -5.172  9.112   1.00 6.52 ? 1  G A "H4'"  1 
ATOM 24  H "H3'"  . G A 1 8  ? -12.089 -3.052  7.802   1.00 5.69 ? 1  G A "H3'"  1 
ATOM 25  H "H2'"  . G A 1 8  ? -10.395 -3.046  9.325   1.00 4.94 ? 1  G A "H2'"  1 
ATOM 26  H "HO2'" . G A 1 8  ? -12.359 -3.728  11.284  1.00 5.36 ? 1  G A "HO2'" 1 
ATOM 27  H "H1'"  . G A 1 8  ? -10.928 -5.521  10.709  1.00 5.26 ? 1  G A "H1'"  1 
ATOM 28  H H8     . G A 1 8  ? -9.687  -5.436  7.071   1.00 5.09 ? 1  G A H8     1 
ATOM 29  H H1     . G A 1 8  ? -4.992  -5.775  11.382  1.00 3.82 ? 1  G A H1     1 
ATOM 30  H H21    . G A 1 8  ? -5.825  -5.535  13.434  1.00 4.05 ? 1  G A H21    1 
ATOM 31  H H22    . G A 1 8  ? -7.532  -5.292  13.730  1.00 4.41 ? 1  G A H22    1 
ATOM 32  P P      . G A 1 9  ? -13.737 -1.224  8.944   1.00 6.28 ? 2  G A P      1 
ATOM 33  O OP1    . G A 1 9  ? -14.928 -0.753  9.684   1.00 6.68 ? 2  G A OP1    1 
ATOM 34  O OP2    . G A 1 9  ? -13.687 -1.093  7.469   1.00 6.57 ? 2  G A OP2    1 
ATOM 35  O "O5'"  . G A 1 9  ? -12.437 -0.494  9.567   1.00 5.77 ? 2  G A "O5'"  1 
ATOM 36  C "C5'"  . G A 1 9  ? -11.700 0.483   8.813   1.00 5.53 ? 2  G A "C5'"  1 
ATOM 37  C "C4'"  . G A 1 9  ? -10.558 1.096   9.624   1.00 5.29 ? 2  G A "C4'"  1 
ATOM 38  O "O4'"  . G A 1 9  ? -9.506  0.149   9.835   1.00 4.92 ? 2  G A "O4'"  1 
ATOM 39  C "C3'"  . G A 1 9  ? -9.901  2.269   8.893   1.00 5.18 ? 2  G A "C3'"  1 
ATOM 40  O "O3'"  . G A 1 9  ? -10.471 3.491   9.389   1.00 5.64 ? 2  G A "O3'"  1 
ATOM 41  C "C2'"  . G A 1 9  ? -8.412  2.161   9.210   1.00 4.84 ? 2  G A "C2'"  1 
ATOM 42  O "O2'"  . G A 1 9  ? -8.024  3.126   10.195  1.00 5.14 ? 2  G A "O2'"  1 
ATOM 43  C "C1'"  . G A 1 9  ? -8.200  0.737   9.732   1.00 4.61 ? 2  G A "C1'"  1 
ATOM 44  N N9     . G A 1 9  ? -7.331  -0.054  8.824   1.00 4.22 ? 2  G A N9     1 
ATOM 45  C C8     . G A 1 9  ? -7.665  -0.820  7.750   1.00 4.19 ? 2  G A C8     1 
ATOM 46  N N7     . G A 1 9  ? -6.710  -1.424  7.125   1.00 3.90 ? 2  G A N7     1 
ATOM 47  C C5     . G A 1 9  ? -5.586  -1.023  7.857   1.00 3.68 ? 2  G A C5     1 
ATOM 48  C C6     . G A 1 9  ? -4.215  -1.350  7.671   1.00 3.42 ? 2  G A C6     1 
ATOM 49  O O6     . G A 1 9  ? -3.713  -2.069  6.810   1.00 3.30 ? 2  G A O6     1 
ATOM 50  N N1     . G A 1 9  ? -3.411  -0.738  8.624   1.00 3.48 ? 2  G A N1     1 
ATOM 51  C C2     . G A 1 9  ? -3.863  0.089   9.637   1.00 3.77 ? 2  G A C2     1 
ATOM 52  N N2     . G A 1 9  ? -2.934  0.583   10.457  1.00 3.97 ? 2  G A N2     1 
ATOM 53  N N3     . G A 1 9  ? -5.150  0.401   9.817   1.00 3.98 ? 2  G A N3     1 
ATOM 54  C C4     . G A 1 9  ? -5.956  -0.184  8.899   1.00 3.91 ? 2  G A C4     1 
ATOM 55  H "H5'"  . G A 1 9  ? -12.362 1.295   8.533   1.00 5.65 ? 2  G A "H5'"  1 
ATOM 56  H "H5''" . G A 1 9  ? -11.305 -0.002  7.906   1.00 5.76 ? 2  G A "H5''" 1 
ATOM 57  H "H4'"  . G A 1 9  ? -10.937 1.431   10.590  1.00 5.55 ? 2  G A "H4'"  1 
ATOM 58  H "H3'"  . G A 1 9  ? -10.061 2.181   7.813   1.00 5.08 ? 2  G A "H3'"  1 
ATOM 59  H "H2'"  . G A 1 9  ? -7.831  2.308   8.295   1.00 4.64 ? 2  G A "H2'"  1 
ATOM 60  H "HO2'" . G A 1 9  ? -8.571  2.979   10.972  1.00 5.16 ? 2  G A "HO2'" 1 
ATOM 61  H "H1'"  . G A 1 9  ? -7.746  0.779   10.723  1.00 4.64 ? 2  G A "H1'"  1 
ATOM 62  H H8     . G A 1 9  ? -8.702  -0.923  7.428   1.00 4.49 ? 2  G A H8     1 
ATOM 63  H H1     . G A 1 9  ? -2.420  -0.927  8.553   1.00 3.42 ? 2  G A H1     1 
ATOM 64  H H21    . G A 1 9  ? -1.961  0.346   10.322  1.00 3.90 ? 2  G A H21    1 
ATOM 65  H H22    . G A 1 9  ? -3.204  1.193   11.216  1.00 4.32 ? 2  G A H22    1 
ATOM 66  P P      . C A 1 10 ? -10.599 4.796   8.446   1.00 5.90 ? 3  C A P      1 
ATOM 67  O OP1    . C A 1 10 ? -11.517 5.751   9.104   1.00 6.51 ? 3  C A OP1    1 
ATOM 68  O OP2    . C A 1 10 ? -10.875 4.344   7.061   1.00 5.77 ? 3  C A OP2    1 
ATOM 69  O "O5'"  . C A 1 10 ? -9.108  5.414   8.496   1.00 5.77 ? 3  C A "O5'"  1 
ATOM 70  C "C5'"  . C A 1 10 ? -8.330  5.577   7.302   1.00 5.63 ? 3  C A "C5'"  1 
ATOM 71  C "C4'"  . C A 1 10 ? -6.866  5.889   7.632   1.00 5.40 ? 3  C A "C4'"  1 
ATOM 72  O "O4'"  . C A 1 10 ? -6.117  4.692   7.871   1.00 4.88 ? 3  C A "O4'"  1 
ATOM 73  C "C3'"  . C A 1 10 ? -6.147  6.574   6.467   1.00 5.40 ? 3  C A "C3'"  1 
ATOM 74  O "O3'"  . C A 1 10 ? -6.230  7.998   6.639   1.00 5.99 ? 3  C A "O3'"  1 
ATOM 75  C "C2'"  . C A 1 10 ? -4.707  6.069   6.546   1.00 5.01 ? 3  C A "C2'"  1 
ATOM 76  O "O2'"  . C A 1 10 ? -3.847  7.056   7.127   1.00 5.39 ? 3  C A "O2'"  1 
ATOM 77  C "C1'"  . C A 1 10 ? -4.759  4.810   7.420   1.00 4.62 ? 3  C A "C1'"  1 
ATOM 78  N N1     . C A 1 10 ? -4.340  3.601   6.664   1.00 4.13 ? 3  C A N1     1 
ATOM 79  C C2     . C A 1 10 ? -3.000  3.230   6.735   1.00 3.82 ? 3  C A C2     1 
ATOM 80  O O2     . C A 1 10 ? -2.206  3.900   7.394   1.00 4.02 ? 3  C A O2     1 
ATOM 81  N N3     . C A 1 10 ? -2.599  2.119   6.059   1.00 3.44 ? 3  C A N3     1 
ATOM 82  C C4     . C A 1 10 ? -3.469  1.397   5.341   1.00 3.41 ? 3  C A C4     1 
ATOM 83  N N4     . C A 1 10 ? -3.038  0.314   4.693   1.00 3.20 ? 3  C A N4     1 
ATOM 84  C C5     . C A 1 10 ? -4.849  1.770   5.263   1.00 3.79 ? 3  C A C5     1 
ATOM 85  C C6     . C A 1 10 ? -5.241  2.872   5.934   1.00 4.11 ? 3  C A C6     1 
ATOM 86  H "H5'"  . C A 1 10 ? -8.751  6.396   6.714   1.00 6.01 ? 3  C A "H5'"  1 
ATOM 87  H "H5''" . C A 1 10 ? -8.377  4.656   6.718   1.00 5.48 ? 3  C A "H5''" 1 
ATOM 88  H "H4'"  . C A 1 10 ? -6.819  6.525   8.517   1.00 5.70 ? 3  C A "H4'"  1 
ATOM 89  H "H3'"  . C A 1 10 ? -6.598  6.273   5.516   1.00 5.30 ? 3  C A "H3'"  1 
ATOM 90  H "H2'"  . C A 1 10 ? -4.356  5.808   5.544   1.00 4.81 ? 3  C A "H2'"  1 
ATOM 91  H "HO2'" . C A 1 10 ? -4.205  7.276   7.991   1.00 5.58 ? 3  C A "HO2'" 1 
ATOM 92  H "H1'"  . C A 1 10 ? -4.103  4.944   8.283   1.00 4.64 ? 3  C A "H1'"  1 
ATOM 93  H H41    . C A 1 10 ? -2.065  0.048   4.747   1.00 3.03 ? 3  C A H41    1 
ATOM 94  H H42    . C A 1 10 ? -3.683  -0.241  4.149   1.00 3.34 ? 3  C A H42    1 
ATOM 95  H H5     . C A 1 10 ? -5.560  1.183   4.679   1.00 3.93 ? 3  C A H5     1 
ATOM 96  H H6     . C A 1 10 ? -6.284  3.184   5.895   1.00 4.46 ? 3  C A H6     1 
ATOM 97  P P      . C A 1 11 ? -6.127  8.997   5.375   1.00 6.26 ? 4  C A P      1 
ATOM 98  O OP1    . C A 1 11 ? -6.647  10.319  5.790   1.00 6.98 ? 4  C A OP1    1 
ATOM 99  O OP2    . C A 1 11 ? -6.704  8.317   4.192   1.00 6.13 ? 4  C A OP2    1 
ATOM 100 O "O5'"  . C A 1 11 ? -4.532  9.128   5.164   1.00 6.06 ? 4  C A "O5'"  1 
ATOM 101 C "C5'"  . C A 1 11 ? -3.917  8.778   3.916   1.00 5.86 ? 4  C A "C5'"  1 
ATOM 102 C "C4'"  . C A 1 11 ? -2.447  8.387   4.110   1.00 5.60 ? 4  C A "C4'"  1 
ATOM 103 O "O4'"  . C A 1 11 ? -2.310  6.979   4.337   1.00 5.00 ? 4  C A "O4'"  1 
ATOM 104 C "C3'"  . C A 1 11 ? -1.608  8.678   2.864   1.00 5.55 ? 4  C A "C3'"  1 
ATOM 105 O "O3'"  . C A 1 11 ? -0.864  9.886   3.080   1.00 6.17 ? 4  C A "O3'"  1 
ATOM 106 C "C2'"  . C A 1 11 ? -0.677  7.479   2.695   1.00 5.08 ? 4  C A "C2'"  1 
ATOM 107 O "O2'"  . C A 1 11 ? 0.691   7.865   2.871   1.00 5.49 ? 4  C A "O2'"  1 
ATOM 108 C "C1'"  . C A 1 11 ? -1.099  6.468   3.764   1.00 4.67 ? 4  C A "C1'"  1 
ATOM 109 N N1     . C A 1 11 ? -1.307  5.113   3.187   1.00 4.09 ? 4  C A N1     1 
ATOM 110 C C2     . C A 1 11 ? -0.204  4.271   3.103   1.00 3.75 ? 4  C A C2     1 
ATOM 111 O O2     . C A 1 11 ? 0.898   4.657   3.489   1.00 3.98 ? 4  C A O2     1 
ATOM 112 N N3     . C A 1 11 ? -0.378  3.025   2.585   1.00 3.32 ? 4  C A N3     1 
ATOM 113 C C4     . C A 1 11 ? -1.581  2.613   2.166   1.00 3.27 ? 4  C A C4     1 
ATOM 114 N N4     . C A 1 11 ? -1.712  1.383   1.667   1.00 3.04 ? 4  C A N4     1 
ATOM 115 C C5     . C A 1 11 ? -2.724  3.472   2.249   1.00 3.66 ? 4  C A C5     1 
ATOM 116 C C6     . C A 1 11 ? -2.545  4.707   2.762   1.00 4.03 ? 4  C A C6     1 
ATOM 117 H "H5'"  . C A 1 11 ? -3.978  9.630   3.239   1.00 6.29 ? 4  C A "H5'"  1 
ATOM 118 H "H5''" . C A 1 11 ? -4.455  7.935   3.478   1.00 5.53 ? 4  C A "H5''" 1 
ATOM 119 H "H4'"  . C A 1 11 ? -2.039  8.929   4.963   1.00 5.97 ? 4  C A "H4'"  1 
ATOM 120 H "H3'"  . C A 1 11 ? -2.252  8.777   1.987   1.00 5.42 ? 4  C A "H3'"  1 
ATOM 121 H "H2'"  . C A 1 11 ? -0.817  7.045   1.701   1.00 4.81 ? 4  C A "H2'"  1 
ATOM 122 H "HO2'" . C A 1 11 ? 1.236   7.119   2.607   1.00 5.81 ? 4  C A "HO2'" 1 
ATOM 123 H "H1'"  . C A 1 11 ? -0.329  6.417   4.537   1.00 4.69 ? 4  C A "H1'"  1 
ATOM 124 H H41    . C A 1 11 ? -0.909  0.775   1.607   1.00 2.86 ? 4  C A H41    1 
ATOM 125 H H42    . C A 1 11 ? -2.615  1.060   1.348   1.00 3.17 ? 4  C A H42    1 
ATOM 126 H H5     . C A 1 11 ? -3.706  3.141   1.909   1.00 3.77 ? 4  C A H5     1 
ATOM 127 H H6     . C A 1 11 ? -3.394  5.387   2.839   1.00 4.40 ? 4  C A H6     1 
ATOM 128 P P      . C A 1 12 ? -0.781  11.031  1.945   1.00 6.64 ? 5  C A P      1 
ATOM 129 O OP1    . C A 1 12 ? -0.814  12.349  2.618   1.00 7.43 ? 5  C A OP1    1 
ATOM 130 O OP2    . C A 1 12 ? -1.774  10.719  0.891   1.00 6.42 ? 5  C A OP2    1 
ATOM 131 O "O5'"  . C A 1 12 ? 0.698   10.813  1.335   1.00 6.56 ? 5  C A "O5'"  1 
ATOM 132 C "C5'"  . C A 1 12 ? 0.887   10.360  -0.011  1.00 6.14 ? 5  C A "C5'"  1 
ATOM 133 C "C4'"  . C A 1 12 ? 2.215   9.607   -0.164  1.00 5.83 ? 5  C A "C4'"  1 
ATOM 134 O "O4'"  . C A 1 12 ? 2.114   8.266   0.328   1.00 5.25 ? 5  C A "O4'"  1 
ATOM 135 C "C3'"  . C A 1 12 ? 2.628   9.454   -1.630  1.00 5.64 ? 5  C A "C3'"  1 
ATOM 136 O "O3'"  . C A 1 12 ? 3.487   10.542  -2.008  1.00 6.20 ? 5  C A "O3'"  1 
ATOM 137 C "C2'"  . C A 1 12 ? 3.359   8.115   -1.686  1.00 5.13 ? 5  C A "C2'"  1 
ATOM 138 O "O2'"  . C A 1 12 ? 4.778   8.307   -1.684  1.00 5.48 ? 5  C A "O2'"  1 
ATOM 139 C "C1'"  . C A 1 12 ? 2.913   7.350   -0.436  1.00 4.81 ? 5  C A "C1'"  1 
ATOM 140 N N1     . C A 1 12 ? 2.139   6.128   -0.788  1.00 4.19 ? 5  C A N1     1 
ATOM 141 C C2     . C A 1 12 ? 2.829   4.922   -0.837  1.00 3.78 ? 5  C A C2     1 
ATOM 142 O O2     . C A 1 12 ? 4.037   4.891   -0.601  1.00 3.97 ? 5  C A O2     1 
ATOM 143 N N3     . C A 1 12 ? 2.137   3.792   -1.149  1.00 3.32 ? 5  C A N3     1 
ATOM 144 C C4     . C A 1 12 ? 0.825   3.835   -1.404  1.00 3.30 ? 5  C A C4     1 
ATOM 145 N N4     . C A 1 12 ? 0.182   2.706   -1.707  1.00 3.06 ? 5  C A N4     1 
ATOM 146 C C5     . C A 1 12 ? 0.105   5.072   -1.357  1.00 3.75 ? 5  C A C5     1 
ATOM 147 C C6     . C A 1 12 ? 0.795   6.188   -1.047  1.00 4.17 ? 5  C A C6     1 
ATOM 148 H "H5'"  . C A 1 12 ? 0.883   11.222  -0.680  1.00 6.41 ? 5  C A "H5'"  1 
ATOM 149 H "H5''" . C A 1 12 ? 0.066   9.694   -0.281  1.00 5.89 ? 5  C A "H5''" 1 
ATOM 150 H "H4'"  . C A 1 12 ? 2.998   10.133  0.387   1.00 6.24 ? 5  C A "H4'"  1 
ATOM 151 H "H3'"  . C A 1 12 ? 1.740   9.423   -2.271  1.00 5.51 ? 5  C A "H3'"  1 
ATOM 152 H "H2'"  . C A 1 12 ? 3.055   7.570   -2.584  1.00 4.80 ? 5  C A "H2'"  1 
ATOM 153 H "HO2'" . C A 1 12 ? 5.181   7.462   -1.895  1.00 5.55 ? 5  C A "HO2'" 1 
ATOM 154 H "H1'"  . C A 1 12 ? 3.792   7.066   0.146   1.00 4.85 ? 5  C A "H1'"  1 
ATOM 155 H H41    . C A 1 12 ? 0.686   1.833   -1.742  1.00 2.87 ? 5  C A H41    1 
ATOM 156 H H42    . C A 1 12 ? -0.809  2.724   -1.901  1.00 3.21 ? 5  C A H42    1 
ATOM 157 H H5     . C A 1 12 ? -0.966  5.110   -1.565  1.00 3.88 ? 5  C A H5     1 
ATOM 158 H H6     . C A 1 12 ? 0.277   7.147   -1.004  1.00 4.60 ? 5  C A H6     1 
ATOM 159 P P      . U A 1 13 ? 3.582   11.038  -3.542  1.00 6.53 ? 6  U A P      1 
ATOM 160 O OP1    . U A 1 13 ? 4.298   12.334  -3.565  1.00 6.99 ? 6  U A OP1    1 
ATOM 161 O OP2    . U A 1 13 ? 2.236   10.932  -4.150  1.00 6.79 ? 6  U A OP2    1 
ATOM 162 O "O5'"  . U A 1 13 ? 4.537   9.924   -4.215  1.00 6.24 ? 6  U A "O5'"  1 
ATOM 163 C "C5'"  . U A 1 13 ? 4.163   9.261   -5.431  1.00 5.68 ? 6  U A "C5'"  1 
ATOM 164 C "C4'"  . U A 1 13 ? 5.013   8.004   -5.664  1.00 5.26 ? 6  U A "C4'"  1 
ATOM 165 O "O4'"  . U A 1 13 ? 4.632   6.941   -4.783  1.00 4.78 ? 6  U A "O4'"  1 
ATOM 166 C "C3'"  . U A 1 13 ? 4.811   7.423   -7.065  1.00 5.02 ? 6  U A "C3'"  1 
ATOM 167 O "O3'"  . U A 1 13 ? 5.695   8.008   -8.034  1.00 5.41 ? 6  U A "O3'"  1 
ATOM 168 C "C2'"  . U A 1 13 ? 5.141   5.947   -6.866  1.00 4.50 ? 6  U A "C2'"  1 
ATOM 169 O "O2'"  . U A 1 13 ? 6.529   5.690   -7.120  1.00 4.66 ? 6  U A "O2'"  1 
ATOM 170 C "C1'"  . U A 1 13 ? 4.793   5.655   -5.405  1.00 4.32 ? 6  U A "C1'"  1 
ATOM 171 N N1     . U A 1 13 ? 3.552   4.839   -5.294  1.00 3.89 ? 6  U A N1     1 
ATOM 172 C C2     . U A 1 13 ? 3.626   3.506   -5.674  1.00 3.51 ? 6  U A C2     1 
ATOM 173 O O2     . U A 1 13 ? 4.667   2.999   -6.086  1.00 3.54 ? 6  U A O2     1 
ATOM 174 N N3     . U A 1 13 ? 2.456   2.776   -5.562  1.00 3.26 ? 6  U A N3     1 
ATOM 175 C C4     . U A 1 13 ? 1.236   3.249   -5.111  1.00 3.39 ? 6  U A C4     1 
ATOM 176 O O4     . U A 1 13 ? 0.259   2.506   -5.055  1.00 3.33 ? 6  U A O4     1 
ATOM 177 C C5     . U A 1 13 ? 1.247   4.644   -4.737  1.00 3.79 ? 6  U A C5     1 
ATOM 178 C C6     . U A 1 13 ? 2.378   5.385   -4.835  1.00 4.02 ? 6  U A C6     1 
ATOM 179 H "H5'"  . U A 1 13 ? 4.302   9.949   -6.269  1.00 5.85 ? 6  U A "H5'"  1 
ATOM 180 H "H5''" . U A 1 13 ? 3.112   8.975   -5.374  1.00 5.48 ? 6  U A "H5''" 1 
ATOM 181 H "H4'"  . U A 1 13 ? 6.066   8.242   -5.510  1.00 5.55 ? 6  U A "H4'"  1 
ATOM 182 H "H3'"  . U A 1 13 ? 3.766   7.532   -7.372  1.00 5.01 ? 6  U A "H3'"  1 
ATOM 183 H "H2'"  . U A 1 13 ? 4.518   5.339   -7.525  1.00 4.27 ? 6  U A "H2'"  1 
ATOM 184 H "HO2'" . U A 1 13 ? 6.653   5.704   -8.072  1.00 4.48 ? 6  U A "HO2'" 1 
ATOM 185 H "H1'"  . U A 1 13 ? 5.621   5.126   -4.933  1.00 4.29 ? 6  U A "H1'"  1 
ATOM 186 H H3     . U A 1 13 ? 2.496   1.805   -5.839  1.00 3.11 ? 6  U A H3     1 
ATOM 187 H H5     . U A 1 13 ? 0.331   5.107   -4.370  1.00 4.04 ? 6  U A H5     1 
ATOM 188 H H6     . U A 1 13 ? 2.353   6.436   -4.546  1.00 4.43 ? 6  U A H6     1 
ATOM 189 P P      . U A 1 14 ? 5.128   8.608   -9.422  1.00 5.40 ? 7  U A P      1 
ATOM 190 O OP1    . U A 1 14 ? 6.284   8.970   -10.274 1.00 5.31 ? 7  U A OP1    1 
ATOM 191 O OP2    . U A 1 14 ? 4.104   9.630   -9.104  1.00 6.08 ? 7  U A OP2    1 
ATOM 192 O "O5'"  . U A 1 14 ? 4.383   7.339   -10.089 1.00 5.10 ? 7  U A "O5'"  1 
ATOM 193 C "C5'"  . U A 1 14 ? 5.128   6.254   -10.664 1.00 5.08 ? 7  U A "C5'"  1 
ATOM 194 C "C4'"  . U A 1 14 ? 4.362   4.927   -10.570 1.00 4.51 ? 7  U A "C4'"  1 
ATOM 195 O "O4'"  . U A 1 14 ? 3.546   4.880   -9.393  1.00 4.28 ? 7  U A "O4'"  1 
ATOM 196 C "C3'"  . U A 1 14 ? 3.388   4.741   -11.733 1.00 4.54 ? 7  U A "C3'"  1 
ATOM 197 O "O3'"  . U A 1 14 ? 4.023   3.955   -12.754 1.00 4.60 ? 7  U A "O3'"  1 
ATOM 198 C "C2'"  . U A 1 14 ? 2.185   4.019   -11.131 1.00 4.26 ? 7  U A "C2'"  1 
ATOM 199 O "O2'"  . U A 1 14 ? 2.231   2.617   -11.425 1.00 4.12 ? 7  U A "O2'"  1 
ATOM 200 C "C1'"  . U A 1 14 ? 2.272   4.260   -9.623  1.00 4.08 ? 7  U A "C1'"  1 
ATOM 201 N N1     . U A 1 14 ? 1.160   5.120   -9.137  1.00 4.34 ? 7  U A N1     1 
ATOM 202 C C2     . U A 1 14 ? 0.054   4.487   -8.588  1.00 4.33 ? 7  U A C2     1 
ATOM 203 O O2     . U A 1 14 ? -0.025  3.262   -8.500  1.00 4.13 ? 7  U A O2     1 
ATOM 204 N N3     . U A 1 14 ? -0.961  5.313   -8.140  1.00 4.70 ? 7  U A N3     1 
ATOM 205 C C4     . U A 1 14 ? -0.973  6.695   -8.190  1.00 5.09 ? 7  U A C4     1 
ATOM 206 O O4     . U A 1 14 ? -1.935  7.330   -7.759  1.00 5.49 ? 7  U A O4     1 
ATOM 207 C C5     . U A 1 14 ? 0.214   7.275   -8.776  1.00 5.10 ? 7  U A C5     1 
ATOM 208 C C6     . U A 1 14 ? 1.227   6.490   -9.224  1.00 4.73 ? 7  U A C6     1 
ATOM 209 H "H5'"  . U A 1 14 ? 6.076   6.154   -10.134 1.00 5.65 ? 7  U A "H5'"  1 
ATOM 210 H "H5''" . U A 1 14 ? 5.332   6.479   -11.712 1.00 5.12 ? 7  U A "H5''" 1 
ATOM 211 H "H4'"  . U A 1 14 ? 5.071   4.097   -10.548 1.00 4.37 ? 7  U A "H4'"  1 
ATOM 212 H "H3'"  . U A 1 14 ? 3.081   5.714   -12.130 1.00 4.88 ? 7  U A "H3'"  1 
ATOM 213 H "H2'"  . U A 1 14 ? 1.261   4.453   -11.524 1.00 4.44 ? 7  U A "H2'"  1 
ATOM 214 H "HO2'" . U A 1 14 ? 1.438   2.222   -11.054 1.00 3.75 ? 7  U A "HO2'" 1 
ATOM 215 H "H1'"  . U A 1 14 ? 2.242   3.300   -9.102  1.00 3.78 ? 7  U A "H1'"  1 
ATOM 216 H H3     . U A 1 14 ? -1.771  4.864   -7.737  1.00 4.78 ? 7  U A H3     1 
ATOM 217 H H5     . U A 1 14 ? 0.298   8.360   -8.858  1.00 5.48 ? 7  U A H5     1 
ATOM 218 H H6     . U A 1 14 ? 2.108   6.958   -9.661  1.00 4.84 ? 7  U A H6     1 
ATOM 219 P P      . U A 1 15 ? 3.718   4.209   -14.319 1.00 5.12 ? 8  U A P      1 
ATOM 220 O OP1    . U A 1 15 ? 4.544   3.266   -15.109 1.00 5.13 ? 8  U A OP1    1 
ATOM 221 O OP2    . U A 1 15 ? 3.809   5.664   -14.582 1.00 5.85 ? 8  U A OP2    1 
ATOM 222 O "O5'"  . U A 1 15 ? 2.172   3.769   -14.455 1.00 5.10 ? 8  U A "O5'"  1 
ATOM 223 C "C5'"  . U A 1 15 ? 1.809   2.421   -14.786 1.00 5.08 ? 8  U A "C5'"  1 
ATOM 224 C "C4'"  . U A 1 15 ? 0.582   1.956   -13.990 1.00 5.24 ? 8  U A "C4'"  1 
ATOM 225 O "O4'"  . U A 1 15 ? -0.164  3.074   -13.491 1.00 5.08 ? 8  U A "O4'"  1 
ATOM 226 C "C3'"  . U A 1 15 ? -0.397  1.159   -14.859 1.00 5.92 ? 8  U A "C3'"  1 
ATOM 227 O "O3'"  . U A 1 15 ? -0.643  -0.105  -14.225 1.00 6.19 ? 8  U A "O3'"  1 
ATOM 228 C "C2'"  . U A 1 15 ? -1.681  1.982   -14.946 1.00 6.16 ? 8  U A "C2'"  1 
ATOM 229 O "O2'"  . U A 1 15 ? -2.833  1.164   -14.706 1.00 6.71 ? 8  U A "O2'"  1 
ATOM 230 C "C1'"  . U A 1 15 ? -1.547  3.061   -13.867 1.00 5.59 ? 8  U A "C1'"  1 
ATOM 231 N N1     . U A 1 15 ? -1.978  4.393   -14.367 1.00 5.66 ? 8  U A N1     1 
ATOM 232 C C2     . U A 1 15 ? -3.336  4.676   -14.358 1.00 6.10 ? 8  U A C2     1 
ATOM 233 O O2     . U A 1 15 ? -4.173  3.865   -13.962 1.00 6.41 ? 8  U A O2     1 
ATOM 234 N N3     . U A 1 15 ? -3.701  5.928   -14.818 1.00 6.27 ? 8  U A N3     1 
ATOM 235 C C4     . U A 1 15 ? -2.843  6.911   -15.281 1.00 6.09 ? 8  U A C4     1 
ATOM 236 O O4     . U A 1 15 ? -3.282  7.992   -15.667 1.00 6.40 ? 8  U A O4     1 
ATOM 237 C C5     . U A 1 15 ? -1.449  6.536   -15.257 1.00 5.63 ? 8  U A C5     1 
ATOM 238 C C6     . U A 1 15 ? -1.060  5.315   -14.811 1.00 5.42 ? 8  U A C6     1 
ATOM 239 H "H5'"  . U A 1 15 ? 2.650   1.761   -14.563 1.00 5.10 ? 8  U A "H5'"  1 
ATOM 240 H "H5''" . U A 1 15 ? 1.590   2.367   -15.852 1.00 5.21 ? 8  U A "H5''" 1 
ATOM 241 H "H4'"  . U A 1 15 ? 0.905   1.340   -13.150 1.00 5.11 ? 8  U A "H4'"  1 
ATOM 242 H "H3'"  . U A 1 15 ? 0.019   1.008   -15.858 1.00 6.12 ? 8  U A "H3'"  1 
ATOM 243 H "H2'"  . U A 1 15 ? -1.751  2.451   -15.931 1.00 6.36 ? 8  U A "H2'"  1 
ATOM 244 H "HO2'" . U A 1 15 ? -2.935  0.585   -15.466 1.00 7.05 ? 8  U A "HO2'" 1 
ATOM 245 H "H1'"  . U A 1 15 ? -2.153  2.785   -13.002 1.00 5.62 ? 8  U A "H1'"  1 
ATOM 246 H H3     . U A 1 15 ? -4.687  6.146   -14.815 1.00 6.64 ? 8  U A H3     1 
ATOM 247 H H5     . U A 1 15 ? -0.697  7.247   -15.603 1.00 5.54 ? 8  U A H5     1 
ATOM 248 H H6     . U A 1 15 ? -0.001  5.062   -14.805 1.00 5.14 ? 8  U A H6     1 
ATOM 249 P P      . U A 1 16 ? -0.380  -1.493  -15.002 1.00 6.48 ? 9  U A P      1 
ATOM 250 O OP1    . U A 1 16 ? 1.062   -1.576  -15.332 1.00 6.73 ? 9  U A OP1    1 
ATOM 251 O OP2    . U A 1 16 ? -1.390  -1.622  -16.077 1.00 6.69 ? 9  U A OP2    1 
ATOM 252 O "O5'"  . U A 1 16 ? -0.706  -2.597  -13.870 1.00 6.44 ? 9  U A "O5'"  1 
ATOM 253 C "C5'"  . U A 1 16 ? 0.241   -2.901  -12.836 1.00 6.06 ? 9  U A "C5'"  1 
ATOM 254 C "C4'"  . U A 1 16 ? -0.414  -3.633  -11.658 1.00 6.07 ? 9  U A "C4'"  1 
ATOM 255 O "O4'"  . U A 1 16 ? -0.592  -2.755  -10.540 1.00 5.52 ? 9  U A "O4'"  1 
ATOM 256 C "C3'"  . U A 1 16 ? -1.811  -4.145  -12.018 1.00 6.66 ? 9  U A "C3'"  1 
ATOM 257 O "O3'"  . U A 1 16 ? -1.886  -5.563  -11.803 1.00 7.03 ? 9  U A "O3'"  1 
ATOM 258 C "C2'"  . U A 1 16 ? -2.785  -3.429  -11.086 1.00 6.40 ? 9  U A "C2'"  1 
ATOM 259 O "O2'"  . U A 1 16 ? -3.749  -4.339  -10.545 1.00 6.85 ? 9  U A "O2'"  1 
ATOM 260 C "C1'"  . U A 1 16 ? -1.910  -2.837  -9.979  1.00 5.73 ? 9  U A "C1'"  1 
ATOM 261 N N1     . U A 1 16 ? -2.397  -1.501  -9.547  1.00 5.33 ? 9  U A N1     1 
ATOM 262 C C2     . U A 1 16 ? -3.386  -1.462  -8.574  1.00 5.42 ? 9  U A C2     1 
ATOM 263 O O2     . U A 1 16 ? -3.860  -2.483  -8.078  1.00 5.81 ? 9  U A O2     1 
ATOM 264 N N3     . U A 1 16 ? -3.812  -0.203  -8.190  1.00 5.14 ? 9  U A N3     1 
ATOM 265 C C4     . U A 1 16 ? -3.347  1.004   -8.683  1.00 4.82 ? 9  U A C4     1 
ATOM 266 O O4     . U A 1 16 ? -3.801  2.068   -8.267  1.00 4.73 ? 9  U A O4     1 
ATOM 267 C C5     . U A 1 16 ? -2.320  0.873   -9.692  1.00 4.72 ? 9  U A C5     1 
ATOM 268 C C6     . U A 1 16 ? -1.882  -0.349  -10.087 1.00 4.96 ? 9  U A C6     1 
ATOM 269 H "H5'"  . U A 1 16 ? 0.683   -1.971  -12.472 1.00 5.86 ? 9  U A "H5'"  1 
ATOM 270 H "H5''" . U A 1 16 ? 1.032   -3.529  -13.251 1.00 6.16 ? 9  U A "H5''" 1 
ATOM 271 H "H4'"  . U A 1 16 ? 0.216   -4.473  -11.357 1.00 6.16 ? 9  U A "H4'"  1 
ATOM 272 H "H3'"  . U A 1 16 ? -2.045  -3.905  -13.058 1.00 7.01 ? 9  U A "H3'"  1 
ATOM 273 H "H2'"  . U A 1 16 ? -3.289  -2.622  -11.628 1.00 6.39 ? 9  U A "H2'"  1 
ATOM 274 H "HO2'" . U A 1 16 ? -4.473  -4.397  -11.174 1.00 7.08 ? 9  U A "HO2'" 1 
ATOM 275 H "H1'"  . U A 1 16 ? -1.898  -3.518  -9.122  1.00 5.81 ? 9  U A "H1'"  1 
ATOM 276 H H3     . U A 1 16 ? -4.532  -0.160  -7.482  1.00 5.26 ? 9  U A H3     1 
ATOM 277 H H5     . U A 1 16 ? -1.892  1.769   -10.141 1.00 4.53 ? 9  U A H5     1 
ATOM 278 H H6     . U A 1 16 ? -1.105  -0.416  -10.850 1.00 4.94 ? 9  U A H6     1 
ATOM 279 P P      . C A 1 17 ? -1.716  -6.605  -13.025 1.00 7.37 ? 10 C A P      1 
ATOM 280 O OP1    . C A 1 17 ? -0.287  -6.979  -13.120 1.00 7.46 ? 10 C A OP1    1 
ATOM 281 O OP2    . C A 1 17 ? -2.414  -6.055  -14.209 1.00 7.86 ? 10 C A OP2    1 
ATOM 282 O "O5'"  . C A 1 17 ? -2.546  -7.890  -12.508 1.00 7.13 ? 10 C A "O5'"  1 
ATOM 283 C "C5'"  . C A 1 17 ? -1.947  -8.867  -11.644 1.00 6.48 ? 10 C A "C5'"  1 
ATOM 284 C "C4'"  . C A 1 17 ? -1.795  -8.342  -10.209 1.00 6.33 ? 10 C A "C4'"  1 
ATOM 285 O "O4'"  . C A 1 17 ? -2.947  -7.591  -9.807  1.00 6.26 ? 10 C A "O4'"  1 
ATOM 286 C "C3'"  . C A 1 17 ? -1.667  -9.482  -9.190  1.00 6.92 ? 10 C A "C3'"  1 
ATOM 287 O "O3'"  . C A 1 17 ? -0.435  -9.331  -8.468  1.00 6.83 ? 10 C A "O3'"  1 
ATOM 288 C "C2'"  . C A 1 17 ? -2.857  -9.352  -8.244  1.00 7.03 ? 10 C A "C2'"  1 
ATOM 289 O "O2'"  . C A 1 17 ? -2.450  -9.499  -6.879  1.00 6.91 ? 10 C A "O2'"  1 
ATOM 290 C "C1'"  . C A 1 17 ? -3.415  -7.951  -8.501  1.00 6.63 ? 10 C A "C1'"  1 
ATOM 291 N N1     . C A 1 17 ? -4.901  -7.929  -8.438  1.00 7.12 ? 10 C A N1     1 
ATOM 292 C C2     . C A 1 17 ? -5.491  -7.869  -7.180  1.00 7.42 ? 10 C A C2     1 
ATOM 293 O O2     . C A 1 17 ? -4.793  -7.846  -6.168  1.00 7.26 ? 10 C A O2     1 
ATOM 294 N N3     . C A 1 17 ? -6.850  -7.839  -7.106  1.00 7.92 ? 10 C A N3     1 
ATOM 295 C C4     . C A 1 17 ? -7.602  -7.864  -8.212  1.00 8.15 ? 10 C A C4     1 
ATOM 296 N N4     . C A 1 17 ? -8.930  -7.830  -8.097  1.00 8.71 ? 10 C A N4     1 
ATOM 297 C C5     . C A 1 17 ? -7.003  -7.925  -9.510  1.00 7.85 ? 10 C A C5     1 
ATOM 298 C C6     . C A 1 17 ? -5.656  -7.955  -9.579  1.00 7.33 ? 10 C A C6     1 
ATOM 299 H "H5'"  . C A 1 17 ? -0.962  -9.133  -12.036 1.00 6.27 ? 10 C A "H5'"  1 
ATOM 300 H "H5''" . C A 1 17 ? -2.576  -9.758  -11.636 1.00 6.39 ? 10 C A "H5''" 1 
ATOM 301 H "H4'"  . C A 1 17 ? -0.913  -7.703  -10.147 1.00 5.92 ? 10 C A "H4'"  1 
ATOM 302 H "H3'"  . C A 1 17 ? -1.695  -10.450 -9.697  1.00 7.35 ? 10 C A "H3'"  1 
ATOM 303 H "H2'"  . C A 1 17 ? -3.613  -10.102 -8.497  1.00 7.56 ? 10 C A "H2'"  1 
ATOM 304 H "HO2'" . C A 1 17 ? -3.248  -9.516  -6.343  1.00 7.16 ? 10 C A "HO2'" 1 
ATOM 305 H "H1'"  . C A 1 17 ? -3.006  -7.255  -7.763  1.00 6.33 ? 10 C A "H1'"  1 
ATOM 306 H H41    . C A 1 17 ? -9.357  -7.788  -7.182  1.00 8.94 ? 10 C A H41    1 
ATOM 307 H H42    . C A 1 17 ? -9.511  -7.847  -8.924  1.00 8.92 ? 10 C A H42    1 
ATOM 308 H H5     . C A 1 17 ? -7.614  -7.944  -10.416 1.00 8.06 ? 10 C A H5     1 
ATOM 309 H H6     . C A 1 17 ? -5.166  -8.000  -10.552 1.00 7.11 ? 10 C A H6     1 
ATOM 310 P P      . A A 1 18 ? 0.828   -10.291 -8.762  1.00 7.13 ? 11 A A P      1 
ATOM 311 O OP1    . A A 1 18 ? 0.504   -11.151 -9.923  1.00 7.37 ? 11 A A OP1    1 
ATOM 312 O OP2    . A A 1 18 ? 1.247   -10.909 -7.483  1.00 7.64 ? 11 A A OP2    1 
ATOM 313 O "O5'"  . A A 1 18 ? 1.969   -9.243  -9.218  1.00 6.69 ? 11 A A "O5'"  1 
ATOM 314 C "C5'"  . A A 1 18 ? 2.645   -8.419  -8.257  1.00 6.01 ? 11 A A "C5'"  1 
ATOM 315 C "C4'"  . A A 1 18 ? 3.261   -7.181  -8.920  1.00 5.67 ? 11 A A "C4'"  1 
ATOM 316 O "O4'"  . A A 1 18 ? 2.300   -6.127  -9.046  1.00 5.39 ? 11 A A "O4'"  1 
ATOM 317 C "C3'"  . A A 1 18 ? 4.396   -6.589  -8.083  1.00 5.23 ? 11 A A "C3'"  1 
ATOM 318 O "O3'"  . A A 1 18 ? 5.660   -7.095  -8.541  1.00 5.60 ? 11 A A "O3'"  1 
ATOM 319 C "C2'"  . A A 1 18 ? 4.294   -5.082  -8.301  1.00 4.72 ? 11 A A "C2'"  1 
ATOM 320 O "O2'"  . A A 1 18 ? 5.240   -4.639  -9.282  1.00 4.79 ? 11 A A "O2'"  1 
ATOM 321 C "C1'"  . A A 1 18 ? 2.860   -4.833  -8.778  1.00 4.81 ? 11 A A "C1'"  1 
ATOM 322 N N9     . A A 1 18 ? 2.064   -4.105  -7.756  1.00 4.45 ? 11 A A N9     1 
ATOM 323 C C8     . A A 1 18 ? 1.061   -4.553  -6.953  1.00 4.60 ? 11 A A C8     1 
ATOM 324 N N7     . A A 1 18 ? 0.522   -3.705  -6.141  1.00 4.29 ? 11 A A N7     1 
ATOM 325 C C5     . A A 1 18 ? 1.244   -2.539  -6.424  1.00 3.89 ? 11 A A C5     1 
ATOM 326 C C6     . A A 1 18 ? 1.184   -1.238  -5.911  1.00 3.56 ? 11 A A C6     1 
ATOM 327 N N6     . A A 1 18 ? 0.324   -0.868  -4.958  1.00 3.54 ? 11 A A N6     1 
ATOM 328 N N1     . A A 1 18 ? 2.041   -0.333  -6.414  1.00 3.39 ? 11 A A N1     1 
ATOM 329 C C2     . A A 1 18 ? 2.909   -0.682  -7.365  1.00 3.49 ? 11 A A C2     1 
ATOM 330 N N3     . A A 1 18 ? 3.052   -1.881  -7.923  1.00 3.78 ? 11 A A N3     1 
ATOM 331 C C4     . A A 1 18 ? 2.183   -2.772  -7.403  1.00 3.98 ? 11 A A C4     1 
ATOM 332 H "H5'"  . A A 1 18 ? 3.433   -9.005  -7.782  1.00 6.00 ? 11 A A "H5'"  1 
ATOM 333 H "H5''" . A A 1 18 ? 1.930   -8.099  -7.497  1.00 5.84 ? 11 A A "H5''" 1 
ATOM 334 H "H4'"  . A A 1 18 ? 3.634   -7.447  -9.909  1.00 6.02 ? 11 A A "H4'"  1 
ATOM 335 H "H3'"  . A A 1 18 ? 4.247   -6.825  -7.025  1.00 5.12 ? 11 A A "H3'"  1 
ATOM 336 H "H2'"  . A A 1 18 ? 4.464   -4.563  -7.355  1.00 4.37 ? 11 A A "H2'"  1 
ATOM 337 H "HO2'" . A A 1 18 ? 5.056   -5.117  -10.094 1.00 4.82 ? 11 A A "HO2'" 1 
ATOM 338 H "H1'"  . A A 1 18 ? 2.882   -4.251  -9.701  1.00 4.82 ? 11 A A "H1'"  1 
ATOM 339 H H8     . A A 1 18 ? 0.721   -5.590  -6.994  1.00 5.03 ? 11 A A H8     1 
ATOM 340 H H61    . A A 1 18 ? 0.324   0.086   -4.625  1.00 3.35 ? 11 A A H61    1 
ATOM 341 H H62    . A A 1 18 ? -0.325  -1.539  -4.574  1.00 3.86 ? 11 A A H62    1 
ATOM 342 H H2     . A A 1 18 ? 3.574   0.104   -7.727  1.00 3.43 ? 11 A A H2     1 
ATOM 343 P P      . G A 1 19 ? 6.848   -7.438  -7.500  1.00 5.96 ? 12 G A P      1 
ATOM 344 O OP1    . G A 1 19 ? 7.995   -7.969  -8.270  1.00 6.55 ? 12 G A OP1    1 
ATOM 345 O OP2    . G A 1 19 ? 6.279   -8.230  -6.387  1.00 6.23 ? 12 G A OP2    1 
ATOM 346 O "O5'"  . G A 1 19 ? 7.255   -5.980  -6.935  1.00 5.53 ? 12 G A "O5'"  1 
ATOM 347 C "C5'"  . G A 1 19 ? 7.414   -5.749  -5.524  1.00 5.09 ? 12 G A "C5'"  1 
ATOM 348 C "C4'"  . G A 1 19 ? 7.957   -4.352  -5.227  1.00 4.75 ? 12 G A "C4'"  1 
ATOM 349 O "O4'"  . G A 1 19 ? 6.996   -3.340  -5.554  1.00 4.29 ? 12 G A "O4'"  1 
ATOM 350 C "C3'"  . G A 1 19 ? 8.254   -4.156  -3.738  1.00 4.67 ? 12 G A "C3'"  1 
ATOM 351 O "O3'"  . G A 1 19 ? 9.646   -4.410  -3.487  1.00 5.17 ? 12 G A "O3'"  1 
ATOM 352 C "C2'"  . G A 1 19 ? 7.892   -2.701  -3.453  1.00 4.23 ? 12 G A "C2'"  1 
ATOM 353 O "O2'"  . G A 1 19 ? 9.064   -1.879  -3.411  1.00 4.49 ? 12 G A "O2'"  1 
ATOM 354 C "C1'"  . G A 1 19 ? 6.969   -2.274  -4.594  1.00 3.94 ? 12 G A "C1'"  1 
ATOM 355 N N9     . G A 1 19 ? 5.586   -2.025  -4.111  1.00 3.58 ? 12 G A N9     1 
ATOM 356 C C8     . G A 1 19 ? 4.496   -2.838  -4.142  1.00 3.65 ? 12 G A C8     1 
ATOM 357 N N7     . G A 1 19 ? 3.393   -2.378  -3.652  1.00 3.41 ? 12 G A N7     1 
ATOM 358 C C5     . G A 1 19 ? 3.774   -1.098  -3.236  1.00 3.10 ? 12 G A C5     1 
ATOM 359 C C6     . G A 1 19 ? 3.005   -0.078  -2.610  1.00 2.86 ? 12 G A C6     1 
ATOM 360 O O6     . G A 1 19 ? 1.817   -0.103  -2.295  1.00 2.84 ? 12 G A O6     1 
ATOM 361 N N1     . G A 1 19 ? 3.769   1.055   -2.360  1.00 2.88 ? 12 G A N1     1 
ATOM 362 C C2     . G A 1 19 ? 5.108   1.198   -2.671  1.00 3.13 ? 12 G A C2     1 
ATOM 363 N N2     . G A 1 19 ? 5.672   2.363   -2.350  1.00 3.39 ? 12 G A N2     1 
ATOM 364 N N3     . G A 1 19 ? 5.837   0.243   -3.258  1.00 3.30 ? 12 G A N3     1 
ATOM 365 C C4     . G A 1 19 ? 5.114   -0.873  -3.513  1.00 3.25 ? 12 G A C4     1 
ATOM 366 H "H5'"  . G A 1 19 ? 8.126   -6.458  -5.122  1.00 5.24 ? 12 G A "H5'"  1 
ATOM 367 H "H5''" . G A 1 19 ? 6.436   -5.887  -5.038  1.00 5.09 ? 12 G A "H5''" 1 
ATOM 368 H "H4'"  . G A 1 19 ? 8.866   -4.182  -5.808  1.00 5.01 ? 12 G A "H4'"  1 
ATOM 369 H "H3'"  . G A 1 19 ? 7.628   -4.822  -3.137  1.00 4.65 ? 12 G A "H3'"  1 
ATOM 370 H "H2'"  . G A 1 19 ? 7.357   -2.638  -2.500  1.00 4.06 ? 12 G A "H2'"  1 
ATOM 371 H "HO2'" . G A 1 19 ? 8.804   -1.029  -3.051  1.00 4.55 ? 12 G A "HO2'" 1 
ATOM 372 H "H1'"  . G A 1 19 ? 7.360   -1.364  -5.055  1.00 3.89 ? 12 G A "H1'"  1 
ATOM 373 H H8     . G A 1 19 ? 4.550   -3.843  -4.565  1.00 4.00 ? 12 G A H8     1 
ATOM 374 H H1     . G A 1 19 ? 3.287   1.824   -1.914  1.00 2.86 ? 12 G A H1     1 
ATOM 375 H H21    . G A 1 19 ? 5.122   3.086   -1.906  1.00 3.70 ? 12 G A H21    1 
ATOM 376 H H22    . G A 1 19 ? 6.648   2.525   -2.552  1.00 3.51 ? 12 G A H22    1 
ATOM 377 P P      . G A 1 20 ? 10.158  -4.889  -2.033  1.00 5.61 ? 13 G A P      1 
ATOM 378 O OP1    . G A 1 20 ? 11.600  -5.204  -2.134  1.00 5.91 ? 13 G A OP1    1 
ATOM 379 O OP2    . G A 1 20 ? 9.216   -5.911  -1.520  1.00 6.06 ? 13 G A OP2    1 
ATOM 380 O "O5'"  . G A 1 20 ? 9.998   -3.551  -1.143  1.00 5.44 ? 13 G A "O5'"  1 
ATOM 381 C "C5'"  . G A 1 20 ? 9.247   -3.557  0.085   1.00 5.22 ? 13 G A "C5'"  1 
ATOM 382 C "C4'"  . G A 1 20 ? 9.047   -2.148  0.645   1.00 5.00 ? 13 G A "C4'"  1 
ATOM 383 O "O4'"  . G A 1 20 ? 7.901   -1.517  0.064   1.00 4.41 ? 13 G A "O4'"  1 
ATOM 384 C "C3'"  . G A 1 20 ? 8.780   -2.160  2.152   1.00 5.05 ? 13 G A "C3'"  1 
ATOM 385 O "O3'"  . G A 1 20 ? 10.007  -1.876  2.840   1.00 5.71 ? 13 G A "O3'"  1 
ATOM 386 C "C2'"  . G A 1 20 ? 7.733   -1.074  2.390   1.00 4.64 ? 13 G A "C2'"  1 
ATOM 387 O "O2'"  . G A 1 20 ? 8.319   0.074   3.012   1.00 5.08 ? 13 G A "O2'"  1 
ATOM 388 C "C1'"  . G A 1 20 ? 7.175   -0.717  1.009   1.00 4.18 ? 13 G A "C1'"  1 
ATOM 389 N N9     . G A 1 20 ? 5.717   -0.984  0.926   1.00 3.65 ? 13 G A N9     1 
ATOM 390 C C8     . G A 1 20 ? 5.059   -2.115  0.555   1.00 3.51 ? 13 G A C8     1 
ATOM 391 N N7     . G A 1 20 ? 3.768   -2.085  0.559   1.00 3.20 ? 13 G A N7     1 
ATOM 392 C C5     . G A 1 20 ? 3.510   -0.777  0.983   1.00 3.06 ? 13 G A C5     1 
ATOM 393 C C6     . G A 1 20 ? 2.268   -0.116  1.192   1.00 2.86 ? 13 G A C6     1 
ATOM 394 O O6     . G A 1 20 ? 1.132   -0.562  1.044   1.00 2.79 ? 13 G A O6     1 
ATOM 395 N N1     . G A 1 20 ? 2.452   1.194   1.618   1.00 3.03 ? 13 G A N1     1 
ATOM 396 C C2     . G A 1 20 ? 3.679   1.800   1.820   1.00 3.40 ? 13 G A C2     1 
ATOM 397 N N2     . G A 1 20 ? 3.653   3.068   2.233   1.00 3.76 ? 13 G A N2     1 
ATOM 398 N N3     . G A 1 20 ? 4.851   1.184   1.626   1.00 3.60 ? 13 G A N3     1 
ATOM 399 C C4     . G A 1 20 ? 4.697   -0.094  1.209   1.00 3.38 ? 13 G A C4     1 
ATOM 400 H "H5'"  . G A 1 20 ? 9.788   -4.123  0.833   1.00 5.64 ? 13 G A "H5'"  1 
ATOM 401 H "H5''" . G A 1 20 ? 8.270   -4.030  -0.105  1.00 4.90 ? 13 G A "H5''" 1 
ATOM 402 H "H4'"  . G A 1 20 ? 9.932   -1.546  0.436   1.00 5.35 ? 13 G A "H4'"  1 
ATOM 403 H "H3'"  . G A 1 20 ? 8.385   -3.133  2.459   1.00 4.94 ? 13 G A "H3'"  1 
ATOM 404 H "H2'"  . G A 1 20 ? 6.931   -1.471  3.020   1.00 4.45 ? 13 G A "H2'"  1 
ATOM 405 H "HO2'" . G A 1 20 ? 7.674   0.428   3.627   1.00 5.34 ? 13 G A "HO2'" 1 
ATOM 406 H "H1'"  . G A 1 20 ? 7.364   0.339   0.806   1.00 4.20 ? 13 G A "H1'"  1 
ATOM 407 H H8     . G A 1 20 ? 5.603   -3.017  0.266   1.00 3.77 ? 13 G A H8     1 
ATOM 408 H H1     . G A 1 20 ? 1.610   1.727   1.789   1.00 3.03 ? 13 G A H1     1 
ATOM 409 H H21    . G A 1 20 ? 2.768   3.534   2.381   1.00 3.68 ? 13 G A H21    1 
ATOM 410 H H22    . G A 1 20 ? 4.518   3.563   2.398   1.00 4.31 ? 13 G A H22    1 
ATOM 411 P P      . G A 1 21 ? 10.279  -2.431  4.333   1.00 5.91 ? 14 G A P      1 
ATOM 412 O OP1    . G A 1 21 ? 11.714  -2.243  4.639   1.00 6.36 ? 14 G A OP1    1 
ATOM 413 O OP2    . G A 1 21 ? 9.672   -3.777  4.448   1.00 6.09 ? 14 G A OP2    1 
ATOM 414 O "O5'"  . G A 1 21 ? 9.432   -1.405  5.248   1.00 5.70 ? 14 G A "O5'"  1 
ATOM 415 C "C5'"  . G A 1 21 ? 8.473   -1.884  6.209   1.00 5.52 ? 14 G A "C5'"  1 
ATOM 416 C "C4'"  . G A 1 21 ? 7.768   -0.740  6.937   1.00 5.37 ? 14 G A "C4'"  1 
ATOM 417 O "O4'"  . G A 1 21 ? 6.818   -0.088  6.088   1.00 5.02 ? 14 G A "O4'"  1 
ATOM 418 C "C3'"  . G A 1 21 ? 6.953   -1.239  8.135   1.00 5.07 ? 14 G A "C3'"  1 
ATOM 419 O "O3'"  . G A 1 21 ? 7.730   -1.132  9.336   1.00 5.50 ? 14 G A "O3'"  1 
ATOM 420 C "C2'"  . G A 1 21 ? 5.733   -0.324  8.188   1.00 4.77 ? 14 G A "C2'"  1 
ATOM 421 O "O2'"  . G A 1 21 ? 5.898   0.693   9.182   1.00 5.17 ? 14 G A "O2'"  1 
ATOM 422 C "C1'"  . G A 1 21 ? 5.626   0.294   6.792   1.00 4.65 ? 14 G A "C1'"  1 
ATOM 423 N N9     . G A 1 21 ? 4.412   -0.179  6.078   1.00 4.07 ? 14 G A N9     1 
ATOM 424 C C8     . G A 1 21 ? 4.224   -1.299  5.328   1.00 3.86 ? 14 G A C8     1 
ATOM 425 N N7     . G A 1 21 ? 3.059   -1.479  4.803   1.00 3.43 ? 14 G A N7     1 
ATOM 426 C C5     . G A 1 21 ? 2.363   -0.348  5.248   1.00 3.34 ? 14 G A C5     1 
ATOM 427 C C6     . G A 1 21 ? 1.018   0.045   5.009   1.00 3.07 ? 14 G A C6     1 
ATOM 428 O O6     . G A 1 21 ? 0.159   -0.537  4.349   1.00 2.87 ? 14 G A O6     1 
ATOM 429 N N1     . G A 1 21 ? 0.717   1.247   5.637   1.00 3.27 ? 14 G A N1     1 
ATOM 430 C C2     . G A 1 21 ? 1.600   1.986   6.402   1.00 3.65 ? 14 G A C2     1 
ATOM 431 N N2     . G A 1 21 ? 1.126   3.119   6.927   1.00 3.89 ? 14 G A N2     1 
ATOM 432 N N3     . G A 1 21 ? 2.867   1.624   6.631   1.00 3.90 ? 14 G A N3     1 
ATOM 433 C C4     . G A 1 21 ? 3.183   0.453   6.028   1.00 3.73 ? 14 G A C4     1 
ATOM 434 H "H5'"  . G A 1 21 ? 8.983   -2.475  6.960   1.00 5.68 ? 14 G A "H5'"  1 
ATOM 435 H "H5''" . G A 1 21 ? 7.736   -2.510  5.681   1.00 5.67 ? 14 G A "H5''" 1 
ATOM 436 H "H4'"  . G A 1 21 ? 8.506   -0.012  7.276   1.00 5.81 ? 14 G A "H4'"  1 
ATOM 437 H "H3'"  . G A 1 21 ? 6.635   -2.274  7.972   1.00 4.84 ? 14 G A "H3'"  1 
ATOM 438 H "H2'"  . G A 1 21 ? 4.839   -0.916  8.401   1.00 4.43 ? 14 G A "H2'"  1 
ATOM 439 H "HO2'" . G A 1 21 ? 5.676   0.303   10.031  1.00 5.02 ? 14 G A "HO2'" 1 
ATOM 440 H "H1'"  . G A 1 21 ? 5.593   1.381   6.879   1.00 4.83 ? 14 G A "H1'"  1 
ATOM 441 H H8     . G A 1 21 ? 5.030   -2.020  5.174   1.00 4.13 ? 14 G A H8     1 
ATOM 442 H H1     . G A 1 21 ? -0.225  1.589   5.511   1.00 3.23 ? 14 G A H1     1 
ATOM 443 H H21    . G A 1 21 ? 0.169   3.395   6.755   1.00 3.95 ? 14 G A H21    1 
ATOM 444 H H22    . G A 1 21 ? 1.724   3.701   7.494   1.00 4.14 ? 14 G A H22    1 
ATOM 445 P P      . C A 1 22 ? 8.169   -2.445  10.166  1.00 5.66 ? 15 C A P      1 
ATOM 446 O OP1    . C A 1 22 ? 9.525   -2.211  10.714  1.00 6.43 ? 15 C A OP1    1 
ATOM 447 O OP2    . C A 1 22 ? 7.912   -3.636  9.325   1.00 5.17 ? 15 C A OP2    1 
ATOM 448 O "O5'"  . C A 1 22 ? 7.124   -2.451  11.395  1.00 5.68 ? 15 C A "O5'"  1 
ATOM 449 C "C5'"  . C A 1 22 ? 5.993   -3.331  11.402  1.00 5.27 ? 15 C A "C5'"  1 
ATOM 450 C "C4'"  . C A 1 22 ? 4.767   -2.658  12.031  1.00 5.06 ? 15 C A "C4'"  1 
ATOM 451 O "O4'"  . C A 1 22 ? 4.020   -1.921  11.056  1.00 4.77 ? 15 C A "O4'"  1 
ATOM 452 C "C3'"  . C A 1 22 ? 3.774   -3.676  12.594  1.00 4.76 ? 15 C A "C3'"  1 
ATOM 453 O "O3'"  . C A 1 22 ? 4.027   -3.883  13.993  1.00 5.07 ? 15 C A "O3'"  1 
ATOM 454 C "C2'"  . C A 1 22 ? 2.400   -3.051  12.371  1.00 4.48 ? 15 C A "C2'"  1 
ATOM 455 O "O2'"  . C A 1 22 ? 1.888   -2.496  13.589  1.00 4.78 ? 15 C A "O2'"  1 
ATOM 456 C "C1'"  . C A 1 22 ? 2.610   -1.956  11.320  1.00 4.43 ? 15 C A "C1'"  1 
ATOM 457 N N1     . C A 1 22 ? 1.838   -2.229  10.078  1.00 4.00 ? 15 C A N1     1 
ATOM 458 C C2     . C A 1 22 ? 0.602   -1.606  9.937   1.00 3.76 ? 15 C A C2     1 
ATOM 459 O O2     . C A 1 22 ? 0.180   -0.862  10.821  1.00 3.93 ? 15 C A O2     1 
ATOM 460 N N3     . C A 1 22 ? -0.116  -1.841  8.805   1.00 3.47 ? 15 C A N3     1 
ATOM 461 C C4     . C A 1 22 ? 0.351   -2.652  7.846   1.00 3.40 ? 15 C A C4     1 
ATOM 462 N N4     . C A 1 22 ? -0.382  -2.857  6.751   1.00 3.25 ? 15 C A N4     1 
ATOM 463 C C5     . C A 1 22 ? 1.621   -3.297  7.981   1.00 3.67 ? 15 C A C5     1 
ATOM 464 C C6     . C A 1 22 ? 2.329   -3.062  9.105   1.00 3.97 ? 15 C A C6     1 
ATOM 465 H "H5'"  . C A 1 22 ? 6.245   -4.226  11.974  1.00 5.44 ? 15 C A "H5'"  1 
ATOM 466 H "H5''" . C A 1 22 ? 5.757   -3.618  10.377  1.00 5.07 ? 15 C A "H5''" 1 
ATOM 467 H "H4'"  . C A 1 22 ? 5.089   -1.980  12.824  1.00 5.42 ? 15 C A "H4'"  1 
ATOM 468 H "H3'"  . C A 1 22 ? 3.849   -4.621  12.045  1.00 4.59 ? 15 C A "H3'"  1 
ATOM 469 H "H2'"  . C A 1 22 ? 1.710   -3.808  11.985  1.00 4.19 ? 15 C A "H2'"  1 
ATOM 470 H "HO2'" . C A 1 22 ? 0.970   -2.264  13.433  1.00 5.14 ? 15 C A "HO2'" 1 
ATOM 471 H "H1'"  . C A 1 22 ? 2.298   -0.995  11.736  1.00 4.57 ? 15 C A "H1'"  1 
ATOM 472 H H41    . C A 1 22 ? -1.279  -2.403  6.651   1.00 3.19 ? 15 C A H41    1 
ATOM 473 H H42    . C A 1 22 ? -0.042  -3.465  6.020   1.00 3.30 ? 15 C A H42    1 
ATOM 474 H H5     . C A 1 22 ? 2.004   -3.958  7.204   1.00 3.74 ? 15 C A H5     1 
ATOM 475 H H6     . C A 1 22 ? 3.301   -3.538  9.241   1.00 4.27 ? 15 C A H6     1 
ATOM 476 P P      . C A 1 23 ? 4.057   -5.368  14.626  1.00 5.26 ? 16 C A P      1 
ATOM 477 O OP1    . C A 1 23 ? 5.019   -5.370  15.751  1.00 5.90 ? 16 C A OP1    1 
ATOM 478 O OP2    . C A 1 23 ? 4.216   -6.344  13.523  1.00 5.38 ? 16 C A OP2    1 
ATOM 479 O "O5'"  . C A 1 23 ? 2.568   -5.531  15.229  1.00 5.00 ? 16 C A "O5'"  1 
ATOM 480 C "C5'"  . C A 1 23 ? 2.200   -4.916  16.473  1.00 4.87 ? 16 C A "C5'"  1 
ATOM 481 C "C4'"  . C A 1 23 ? 0.745   -5.223  16.851  1.00 4.72 ? 16 C A "C4'"  1 
ATOM 482 O "O4'"  . C A 1 23 ? -0.161  -4.775  15.836  1.00 4.38 ? 16 C A "O4'"  1 
ATOM 483 C "C3'"  . C A 1 23 ? 0.495   -6.726  16.976  1.00 4.88 ? 16 C A "C3'"  1 
ATOM 484 O "O3'"  . C A 1 23 ? 0.610   -7.154  18.338  1.00 5.24 ? 16 C A "O3'"  1 
ATOM 485 C "C2'"  . C A 1 23 ? -0.922  -6.934  16.454  1.00 4.69 ? 16 C A "C2'"  1 
ATOM 486 O "O2'"  . C A 1 23 ? -1.848  -7.077  17.537  1.00 4.90 ? 16 C A "O2'"  1 
ATOM 487 C "C1'"  . C A 1 23 ? -1.247  -5.688  15.625  1.00 4.33 ? 16 C A "C1'"  1 
ATOM 488 N N1     . C A 1 23 ? -1.399  -6.014  14.182  1.00 4.11 ? 16 C A N1     1 
ATOM 489 C C2     . C A 1 23 ? -2.686  -6.252  13.707  1.00 4.04 ? 16 C A C2     1 
ATOM 490 O O2     . C A 1 23 ? -3.646  -6.194  14.473  1.00 4.19 ? 16 C A O2     1 
ATOM 491 N N3     . C A 1 23 ? -2.846  -6.546  12.389  1.00 3.91 ? 16 C A N3     1 
ATOM 492 C C4     . C A 1 23 ? -1.793  -6.608  11.562  1.00 3.82 ? 16 C A C4     1 
ATOM 493 N N4     . C A 1 23 ? -1.992  -6.901  10.275  1.00 3.74 ? 16 C A N4     1 
ATOM 494 C C5     . C A 1 23 ? -0.466  -6.364  12.040  1.00 3.94 ? 16 C A C5     1 
ATOM 495 C C6     . C A 1 23 ? -0.313  -6.072  13.348  1.00 4.09 ? 16 C A C6     1 
ATOM 496 H "H5'"  . C A 1 23 ? 2.320   -3.834  16.384  1.00 4.87 ? 16 C A "H5'"  1 
ATOM 497 H "H5''" . C A 1 23 ? 2.861   -5.283  17.262  1.00 5.19 ? 16 C A "H5''" 1 
ATOM 498 H "H4'"  . C A 1 23 ? 0.500   -4.731  17.794  1.00 4.87 ? 16 C A "H4'"  1 
ATOM 499 H "H3'"  . C A 1 23 ? 1.203   -7.274  16.346  1.00 4.93 ? 16 C A "H3'"  1 
ATOM 500 H "H2'"  . C A 1 23 ? -0.953  -7.821  15.816  1.00 4.75 ? 16 C A "H2'"  1 
ATOM 501 H "HO2'" . C A 1 23 ? -2.704  -7.292  17.156  1.00 5.08 ? 16 C A "HO2'" 1 
ATOM 502 H "H1'"  . C A 1 23 ? -2.171  -5.238  15.994  1.00 4.34 ? 16 C A "H1'"  1 
ATOM 503 H H41    . C A 1 23 ? -2.927  -7.073  9.936   1.00 3.76 ? 16 C A H41    1 
ATOM 504 H H42    . C A 1 23 ? -1.206  -6.952  9.642   1.00 3.74 ? 16 C A H42    1 
ATOM 505 H H5     . C A 1 23 ? 0.394   -6.412  11.368  1.00 3.99 ? 16 C A H5     1 
ATOM 506 H H6     . C A 1 23 ? 0.686   -5.882  13.745  1.00 4.27 ? 16 C A H6     1 
# 
